data_2PIY
#
_entry.id   2PIY
#
_cell.length_a   66.877
_cell.length_b   96.570
_cell.length_c   136.025
_cell.angle_alpha   90.00
_cell.angle_beta   90.00
_cell.angle_gamma   90.00
#
_symmetry.space_group_name_H-M   'P 21 21 21'
#
loop_
_entity.id
_entity.type
_entity.pdbx_description
1 polymer 'Carboxypeptidase B'
2 non-polymer 'ZINC ION'
3 non-polymer '(2S)-2-[3-(AMINOMETHYL)PHENYL]-3-{(R)-HYDROXY[(1R)-2-METHYL-1-{[(3-PHENYLPROPYL)SULFONYL]AMINO}PROPYL]PHOSPHORYL}PROPANOIC ACID'
4 water water
#
_entity_poly.entity_id   1
_entity_poly.type   'polypeptide(L)'
_entity_poly.pdbx_seq_one_letter_code
;TTGHSYEKYNNWETIEAWTKQVTSENPDLISRTAIGTTFLGNNIYLLKVGKPGPNKPAIFMDCGFHAREWISHAFCQWFV
REAVLTYGYESHMTEFLNKLDFYVLPVLNIDGYIYTWTKNRMWRKTRSTNAGTTCIGTDPNRNFDAGWCTTGASTDPCDE
TYCGSAAESEKETKALADFIRNNLSSIKAYLTIHSYSQMILYPYSYDYKLPENNAELNNLAKAAVKELATLYGTKYTYGP
GATTIYPAAGGSDDWAYDQGIKYSFTFELRDKGRYGFILPESQIQATCEETMLAIKYVTNYVLGHL
;
_entity_poly.pdbx_strand_id   A,B,C
#
# COMPACT_ATOMS: atom_id res chain seq x y z
N GLY A 3 27.07 19.38 -17.80
CA GLY A 3 27.27 20.62 -18.50
C GLY A 3 26.12 20.95 -19.45
N HIS A 4 26.15 22.14 -20.03
CA HIS A 4 25.10 22.58 -20.94
C HIS A 4 25.25 21.93 -22.32
N SER A 5 24.13 21.52 -22.91
CA SER A 5 24.10 21.10 -24.30
C SER A 5 22.88 21.69 -25.00
N TYR A 6 23.07 22.12 -26.24
CA TYR A 6 21.95 22.67 -27.00
C TYR A 6 21.03 21.59 -27.58
N GLU A 7 21.50 20.34 -27.57
CA GLU A 7 20.66 19.23 -28.04
C GLU A 7 20.20 18.30 -26.91
N LYS A 8 20.19 18.83 -25.69
CA LYS A 8 19.59 18.16 -24.55
C LYS A 8 18.76 19.15 -23.75
N TYR A 9 17.83 18.67 -22.95
CA TYR A 9 17.11 19.55 -22.03
C TYR A 9 17.99 19.79 -20.80
N ASN A 10 18.12 21.06 -20.41
CA ASN A 10 19.04 21.46 -19.35
C ASN A 10 18.28 21.90 -18.11
N ASN A 11 18.75 21.54 -16.92
CA ASN A 11 18.05 21.95 -15.70
C ASN A 11 18.31 23.44 -15.44
N TRP A 12 17.58 24.03 -14.50
CA TRP A 12 17.67 25.49 -14.32
C TRP A 12 19.07 25.92 -13.95
N GLU A 13 19.72 25.16 -13.06
CA GLU A 13 21.06 25.52 -12.60
C GLU A 13 21.99 25.64 -13.81
N THR A 14 21.82 24.74 -14.77
CA THR A 14 22.63 24.74 -15.98
C THR A 14 22.23 25.88 -16.93
N ILE A 15 20.94 26.15 -17.07
CA ILE A 15 20.51 27.25 -17.91
C ILE A 15 20.98 28.58 -17.33
N GLU A 16 20.88 28.74 -16.03
CA GLU A 16 21.36 29.95 -15.37
C GLU A 16 22.85 30.18 -15.62
N ALA A 17 23.65 29.12 -15.47
CA ALA A 17 25.09 29.24 -15.69
C ALA A 17 25.36 29.56 -17.15
N TRP A 18 24.55 28.99 -18.03
CA TRP A 18 24.65 29.28 -19.45
C TRP A 18 24.37 30.76 -19.77
N THR A 19 23.39 31.34 -19.10
CA THR A 19 23.08 32.75 -19.39
C THR A 19 24.28 33.63 -19.04
N LYS A 20 24.99 33.28 -17.98
CA LYS A 20 26.17 34.06 -17.59
C LYS A 20 27.30 33.82 -18.59
N GLN A 21 27.49 32.56 -18.97
CA GLN A 21 28.62 32.19 -19.83
C GLN A 21 28.48 32.73 -21.25
N VAL A 22 27.29 32.59 -21.83
CA VAL A 22 27.10 32.96 -23.22
C VAL A 22 27.18 34.48 -23.36
N THR A 23 26.80 35.19 -22.31
CA THR A 23 26.91 36.64 -22.28
C THR A 23 28.36 37.09 -22.17
N SER A 24 29.11 36.49 -21.24
CA SER A 24 30.50 36.87 -21.05
C SER A 24 31.35 36.53 -22.28
N GLU A 25 30.95 35.49 -23.01
CA GLU A 25 31.65 35.08 -24.23
C GLU A 25 31.29 35.94 -25.44
N ASN A 26 30.20 36.68 -25.34
CA ASN A 26 29.70 37.47 -26.47
C ASN A 26 29.19 38.85 -26.04
N PRO A 27 30.01 39.62 -25.31
CA PRO A 27 29.57 40.90 -24.74
C PRO A 27 29.21 41.95 -25.79
N ASP A 28 29.67 41.74 -27.02
CA ASP A 28 29.37 42.67 -28.09
C ASP A 28 28.06 42.33 -28.82
N LEU A 29 27.36 41.30 -28.34
CA LEU A 29 26.09 40.90 -28.92
C LEU A 29 25.03 40.56 -27.87
N ILE A 30 25.44 40.39 -26.62
CA ILE A 30 24.52 40.01 -25.56
C ILE A 30 24.78 40.77 -24.28
N SER A 31 23.73 41.32 -23.69
CA SER A 31 23.80 41.78 -22.31
C SER A 31 22.72 41.08 -21.50
N ARG A 32 23.03 40.75 -20.25
CA ARG A 32 22.10 40.02 -19.40
C ARG A 32 21.64 40.90 -18.25
N THR A 33 20.34 40.92 -18.01
CA THR A 33 19.79 41.56 -16.82
C THR A 33 18.80 40.62 -16.17
N ALA A 34 18.39 40.94 -14.95
CA ALA A 34 17.29 40.25 -14.29
C ALA A 34 16.13 41.23 -14.19
N ILE A 35 14.93 40.78 -14.54
CA ILE A 35 13.78 41.68 -14.51
C ILE A 35 12.88 41.42 -13.33
N GLY A 36 13.33 40.56 -12.42
CA GLY A 36 12.55 40.24 -11.24
C GLY A 36 12.92 38.90 -10.65
N THR A 37 12.21 38.53 -9.59
CA THR A 37 12.40 37.23 -8.95
C THR A 37 11.10 36.44 -8.98
N THR A 38 11.22 35.11 -9.04
CA THR A 38 10.06 34.22 -8.99
C THR A 38 9.56 34.10 -7.56
N PHE A 39 8.42 33.43 -7.39
CA PHE A 39 7.87 33.22 -6.05
C PHE A 39 8.93 32.62 -5.12
N LEU A 40 9.73 31.70 -5.65
CA LEU A 40 10.71 31.00 -4.83
C LEU A 40 12.11 31.61 -4.92
N GLY A 41 12.21 32.82 -5.47
CA GLY A 41 13.43 33.58 -5.37
C GLY A 41 14.49 33.27 -6.41
N ASN A 42 14.07 32.69 -7.53
CA ASN A 42 14.98 32.49 -8.64
C ASN A 42 15.00 33.73 -9.52
N ASN A 43 16.11 33.94 -10.22
CA ASN A 43 16.32 35.18 -10.97
C ASN A 43 15.77 35.06 -12.40
N ILE A 44 14.86 35.96 -12.75
CA ILE A 44 14.23 35.93 -14.08
C ILE A 44 15.13 36.69 -15.06
N TYR A 45 16.00 35.96 -15.74
CA TYR A 45 16.97 36.59 -16.63
C TYR A 45 16.36 37.00 -17.96
N LEU A 46 16.89 38.08 -18.51
CA LEU A 46 16.52 38.54 -19.84
C LEU A 46 17.82 38.80 -20.62
N LEU A 47 17.89 38.25 -21.82
CA LEU A 47 19.05 38.48 -22.69
C LEU A 47 18.68 39.45 -23.79
N LYS A 48 19.41 40.56 -23.87
CA LYS A 48 19.24 41.51 -24.95
C LYS A 48 20.25 41.15 -26.04
N VAL A 49 19.76 40.60 -27.13
CA VAL A 49 20.60 40.07 -28.19
C VAL A 49 20.57 41.01 -29.39
N GLY A 50 21.73 41.50 -29.79
CA GLY A 50 21.79 42.49 -30.86
C GLY A 50 23.09 43.28 -30.80
N LYS A 51 23.41 43.95 -31.90
CA LYS A 51 24.59 44.80 -31.95
C LYS A 51 24.20 46.14 -31.34
N PRO A 52 24.80 46.48 -30.18
CA PRO A 52 24.36 47.66 -29.43
C PRO A 52 24.43 48.94 -30.24
N GLY A 53 23.44 49.80 -30.03
CA GLY A 53 23.35 51.05 -30.76
C GLY A 53 22.28 51.94 -30.16
N PRO A 54 22.18 53.20 -30.63
CA PRO A 54 21.18 54.15 -30.15
C PRO A 54 19.75 53.84 -30.62
N ASN A 55 18.79 53.95 -29.71
CA ASN A 55 17.37 53.79 -29.99
C ASN A 55 17.00 52.82 -31.11
N LYS A 56 17.23 51.54 -30.87
CA LYS A 56 16.84 50.50 -31.81
C LYS A 56 15.45 49.98 -31.49
N PRO A 57 14.69 49.57 -32.52
CA PRO A 57 13.45 48.81 -32.29
C PRO A 57 13.77 47.43 -31.75
N ALA A 58 12.75 46.70 -31.32
CA ALA A 58 12.98 45.42 -30.65
C ALA A 58 11.86 44.42 -30.91
N ILE A 59 12.21 43.13 -30.81
CA ILE A 59 11.23 42.06 -30.75
C ILE A 59 11.41 41.31 -29.43
N PHE A 60 10.31 41.09 -28.72
CA PHE A 60 10.36 40.38 -27.45
C PHE A 60 9.91 38.93 -27.64
N MET A 61 10.71 38.00 -27.15
CA MET A 61 10.36 36.59 -27.21
C MET A 61 10.59 35.94 -25.84
N ASP A 62 9.58 35.21 -25.35
CA ASP A 62 9.78 34.43 -24.13
C ASP A 62 9.54 32.94 -24.36
N CYS A 63 10.16 32.13 -23.51
CA CYS A 63 9.96 30.69 -23.49
C CYS A 63 9.65 30.25 -22.06
N GLY A 64 9.10 29.04 -21.92
CA GLY A 64 8.94 28.46 -20.61
C GLY A 64 7.85 29.04 -19.72
N PHE A 65 6.79 29.56 -20.32
CA PHE A 65 5.59 29.92 -19.58
C PHE A 65 5.10 28.70 -18.81
N HIS A 66 4.97 27.59 -19.52
CA HIS A 66 4.42 26.36 -18.95
C HIS A 66 5.52 25.34 -18.70
N ALA A 67 5.61 24.88 -17.46
CA ALA A 67 6.78 24.17 -16.95
C ALA A 67 7.15 22.94 -17.77
N ARG A 68 6.14 22.17 -18.18
CA ARG A 68 6.38 20.85 -18.79
C ARG A 68 6.72 20.92 -20.27
N GLU A 69 6.66 22.11 -20.84
CA GLU A 69 6.84 22.29 -22.28
C GLU A 69 8.31 22.51 -22.61
N TRP A 70 9.11 21.48 -22.34
CA TRP A 70 10.56 21.60 -22.31
C TRP A 70 11.18 22.04 -23.64
N ILE A 71 10.53 21.74 -24.77
CA ILE A 71 11.10 22.12 -26.06
C ILE A 71 11.08 23.63 -26.23
N SER A 72 10.17 24.30 -25.52
CA SER A 72 10.11 25.76 -25.51
C SER A 72 11.40 26.35 -24.94
N HIS A 73 11.76 25.92 -23.73
CA HIS A 73 12.99 26.40 -23.09
C HIS A 73 14.19 26.16 -24.02
N ALA A 74 14.22 24.97 -24.62
CA ALA A 74 15.31 24.59 -25.50
C ALA A 74 15.42 25.54 -26.69
N PHE A 75 14.28 25.97 -27.22
CA PHE A 75 14.33 26.85 -28.38
C PHE A 75 14.96 28.19 -28.09
N CYS A 76 14.62 28.83 -26.97
CA CYS A 76 15.22 30.12 -26.66
C CYS A 76 16.74 30.01 -26.61
N GLN A 77 17.24 28.92 -26.05
CA GLN A 77 18.69 28.72 -25.99
C GLN A 77 19.28 28.53 -27.38
N TRP A 78 18.61 27.72 -28.19
CA TRP A 78 19.05 27.48 -29.57
C TRP A 78 19.12 28.80 -30.34
N PHE A 79 18.11 29.65 -30.16
CA PHE A 79 18.04 30.91 -30.88
C PHE A 79 19.25 31.79 -30.58
N VAL A 80 19.60 31.91 -29.31
CA VAL A 80 20.73 32.74 -28.91
C VAL A 80 22.03 32.30 -29.55
N ARG A 81 22.30 30.99 -29.58
CA ARG A 81 23.53 30.52 -30.21
C ARG A 81 23.53 30.83 -31.70
N GLU A 82 22.40 30.58 -32.36
CA GLU A 82 22.28 30.88 -33.78
C GLU A 82 22.65 32.33 -34.05
N ALA A 83 22.09 33.22 -33.23
CA ALA A 83 22.33 34.65 -33.40
C ALA A 83 23.82 34.97 -33.30
N VAL A 84 24.46 34.49 -32.25
CA VAL A 84 25.86 34.85 -32.02
C VAL A 84 26.83 34.18 -32.98
N LEU A 85 26.53 32.95 -33.36
CA LEU A 85 27.39 32.21 -34.27
C LEU A 85 27.35 32.75 -35.70
N THR A 86 26.17 33.17 -36.16
CA THR A 86 26.02 33.56 -37.54
C THR A 86 26.15 35.05 -37.81
N TYR A 87 26.17 35.86 -36.75
CA TYR A 87 26.35 37.31 -36.95
C TYR A 87 27.65 37.61 -37.69
N GLY A 88 27.54 38.41 -38.74
CA GLY A 88 28.69 38.75 -39.54
C GLY A 88 28.89 37.85 -40.75
N TYR A 89 28.19 36.72 -40.75
CA TYR A 89 28.36 35.75 -41.82
C TYR A 89 27.09 35.51 -42.63
N GLU A 90 25.98 35.28 -41.95
CA GLU A 90 24.70 35.15 -42.63
C GLU A 90 24.04 36.53 -42.76
N SER A 91 23.70 36.91 -43.99
CA SER A 91 23.30 38.29 -44.27
C SER A 91 22.06 38.72 -43.50
N HIS A 92 21.06 37.85 -43.41
CA HIS A 92 19.81 38.22 -42.76
C HIS A 92 19.99 38.45 -41.26
N MET A 93 20.59 37.48 -40.57
CA MET A 93 20.76 37.62 -39.13
C MET A 93 21.66 38.81 -38.82
N THR A 94 22.66 39.04 -39.66
CA THR A 94 23.55 40.19 -39.46
C THR A 94 22.75 41.49 -39.53
N GLU A 95 21.90 41.62 -40.55
CA GLU A 95 21.03 42.77 -40.69
C GLU A 95 20.08 42.89 -39.51
N PHE A 96 19.50 41.77 -39.11
CA PHE A 96 18.54 41.77 -38.00
C PHE A 96 19.17 42.36 -36.74
N LEU A 97 20.36 41.87 -36.39
CA LEU A 97 20.99 42.26 -35.14
C LEU A 97 21.58 43.66 -35.20
N ASN A 98 21.89 44.13 -36.40
CA ASN A 98 22.33 45.50 -36.59
C ASN A 98 21.16 46.48 -36.38
N LYS A 99 19.99 46.11 -36.90
CA LYS A 99 18.84 47.01 -36.92
C LYS A 99 18.00 46.97 -35.64
N LEU A 100 17.83 45.77 -35.08
CA LEU A 100 16.98 45.63 -33.91
C LEU A 100 17.60 44.79 -32.82
N ASP A 101 16.96 44.81 -31.65
CA ASP A 101 17.34 43.93 -30.56
C ASP A 101 16.28 42.86 -30.36
N PHE A 102 16.72 41.64 -30.06
CA PHE A 102 15.83 40.62 -29.56
C PHE A 102 15.94 40.58 -28.04
N TYR A 103 14.84 40.81 -27.35
CA TYR A 103 14.79 40.52 -25.92
C TYR A 103 14.34 39.08 -25.77
N VAL A 104 15.25 38.23 -25.31
CA VAL A 104 14.95 36.81 -25.15
C VAL A 104 14.88 36.47 -23.68
N LEU A 105 13.70 36.00 -23.25
CA LEU A 105 13.51 35.59 -21.86
C LEU A 105 13.46 34.07 -21.86
N PRO A 106 14.57 33.43 -21.49
CA PRO A 106 14.73 31.99 -21.73
C PRO A 106 13.78 31.09 -20.94
N VAL A 107 13.50 31.47 -19.70
CA VAL A 107 12.54 30.73 -18.87
C VAL A 107 11.78 31.72 -17.99
N LEU A 108 10.47 31.82 -18.20
CA LEU A 108 9.66 32.68 -17.35
C LEU A 108 9.30 31.99 -16.04
N ASN A 109 8.69 30.81 -16.15
CA ASN A 109 8.19 30.06 -15.00
C ASN A 109 9.28 29.12 -14.49
N ILE A 110 10.31 29.69 -13.87
CA ILE A 110 11.46 28.91 -13.42
C ILE A 110 11.08 27.93 -12.31
N ASP A 111 10.25 28.37 -11.38
CA ASP A 111 9.91 27.54 -10.22
C ASP A 111 9.21 26.27 -10.71
N GLY A 112 8.29 26.44 -11.65
CA GLY A 112 7.59 25.29 -12.20
C GLY A 112 8.54 24.37 -12.95
N TYR A 113 9.46 24.97 -13.72
CA TYR A 113 10.43 24.19 -14.47
C TYR A 113 11.28 23.32 -13.53
N ILE A 114 11.78 23.91 -12.46
CA ILE A 114 12.54 23.14 -11.49
C ILE A 114 11.69 21.97 -10.96
N TYR A 115 10.41 22.22 -10.72
CA TYR A 115 9.54 21.19 -10.19
C TYR A 115 9.39 20.01 -11.17
N THR A 116 9.44 20.28 -12.46
CA THR A 116 9.33 19.21 -13.45
C THR A 116 10.60 18.35 -13.49
N TRP A 117 11.70 18.91 -12.97
CA TRP A 117 12.96 18.15 -12.87
C TRP A 117 13.06 17.37 -11.57
N THR A 118 12.49 17.91 -10.50
CA THR A 118 12.66 17.35 -9.16
C THR A 118 11.53 16.44 -8.70
N LYS A 119 10.31 16.69 -9.17
CA LYS A 119 9.14 16.03 -8.60
C LYS A 119 8.11 15.53 -9.60
N ASN A 120 7.72 16.39 -10.54
CA ASN A 120 6.56 16.09 -11.38
C ASN A 120 6.74 16.63 -12.80
N ARG A 121 7.09 15.73 -13.71
CA ARG A 121 7.43 16.10 -15.08
C ARG A 121 6.27 16.78 -15.81
N MET A 122 5.06 16.55 -15.34
CA MET A 122 3.87 17.09 -16.00
C MET A 122 3.31 18.34 -15.34
N TRP A 123 4.06 18.95 -14.44
CA TRP A 123 3.64 20.21 -13.82
C TRP A 123 3.54 21.30 -14.89
N ARG A 124 2.57 22.20 -14.70
CA ARG A 124 2.26 23.24 -15.69
C ARG A 124 2.38 24.64 -15.11
N LYS A 125 1.78 24.84 -13.94
CA LYS A 125 1.55 26.16 -13.36
C LYS A 125 2.81 26.70 -12.67
N THR A 126 2.68 27.86 -12.04
CA THR A 126 3.72 28.36 -11.14
C THR A 126 3.72 27.52 -9.88
N ARG A 127 4.53 27.93 -8.90
CA ARG A 127 4.59 27.20 -7.63
C ARG A 127 4.24 28.08 -6.43
N SER A 128 3.47 29.13 -6.65
CA SER A 128 3.05 30.00 -5.55
C SER A 128 1.97 29.36 -4.70
N THR A 129 1.93 29.71 -3.43
CA THR A 129 0.90 29.20 -2.54
C THR A 129 -0.40 29.97 -2.71
N ASN A 130 -1.50 29.38 -2.27
CA ASN A 130 -2.82 29.99 -2.40
C ASN A 130 -3.52 30.00 -1.05
N ALA A 131 -4.08 31.15 -0.69
CA ALA A 131 -4.73 31.28 0.61
C ALA A 131 -5.89 30.31 0.72
N GLY A 132 -6.02 29.67 1.88
CA GLY A 132 -7.19 28.87 2.16
C GLY A 132 -7.16 27.46 1.62
N THR A 133 -6.04 27.07 1.00
CA THR A 133 -5.96 25.74 0.39
C THR A 133 -4.52 25.25 0.34
N THR A 134 -4.36 23.94 0.19
CA THR A 134 -3.05 23.35 0.01
C THR A 134 -2.63 23.34 -1.46
N CYS A 135 -3.58 23.61 -2.35
CA CYS A 135 -3.29 23.58 -3.77
C CYS A 135 -2.31 24.67 -4.18
N ILE A 136 -1.40 24.31 -5.08
CA ILE A 136 -0.28 25.18 -5.46
C ILE A 136 -0.41 25.67 -6.91
N GLY A 137 -0.12 26.95 -7.12
CA GLY A 137 0.18 27.43 -8.45
C GLY A 137 -0.94 28.08 -9.24
N THR A 138 -0.54 29.01 -10.12
CA THR A 138 -1.43 29.71 -11.04
C THR A 138 -0.98 29.43 -12.48
N ASP A 139 -1.92 29.39 -13.41
CA ASP A 139 -1.58 29.25 -14.82
C ASP A 139 -1.15 30.63 -15.33
N PRO A 140 0.15 30.79 -15.65
CA PRO A 140 0.63 32.11 -16.07
C PRO A 140 -0.05 32.64 -17.33
N ASN A 141 -0.51 31.73 -18.19
CA ASN A 141 -1.15 32.14 -19.43
C ASN A 141 -2.65 32.34 -19.28
N ARG A 142 -3.11 32.41 -18.03
CA ARG A 142 -4.47 32.85 -17.73
C ARG A 142 -4.40 34.07 -16.81
N ASN A 143 -3.19 34.56 -16.59
CA ASN A 143 -2.94 35.52 -15.52
C ASN A 143 -2.72 36.96 -15.99
N PHE A 144 -2.85 37.20 -17.28
CA PHE A 144 -2.66 38.55 -17.81
C PHE A 144 -3.98 39.31 -17.94
N ASP A 145 -3.88 40.65 -17.91
CA ASP A 145 -5.05 41.50 -17.85
C ASP A 145 -5.69 41.64 -19.23
N ALA A 146 -6.19 40.53 -19.77
CA ALA A 146 -6.87 40.53 -21.05
C ALA A 146 -8.13 39.67 -20.95
N GLY A 147 -9.27 40.33 -20.82
CA GLY A 147 -10.50 39.60 -20.57
C GLY A 147 -10.31 38.65 -19.41
N TRP A 148 -9.56 39.09 -18.41
CA TRP A 148 -9.08 38.22 -17.35
C TRP A 148 -10.17 37.33 -16.74
N CYS A 149 -9.89 36.04 -16.71
CA CYS A 149 -10.76 35.03 -16.09
C CYS A 149 -12.22 35.08 -16.53
N THR A 150 -12.47 35.55 -17.75
CA THR A 150 -13.84 35.65 -18.24
C THR A 150 -14.24 34.40 -19.05
N THR A 151 -13.25 33.67 -19.54
CA THR A 151 -13.52 32.48 -20.34
C THR A 151 -12.29 31.59 -20.44
N GLY A 152 -12.52 30.27 -20.47
CA GLY A 152 -11.43 29.32 -20.64
C GLY A 152 -10.49 29.27 -19.46
N ALA A 153 -10.91 29.86 -18.34
CA ALA A 153 -10.08 29.93 -17.15
C ALA A 153 -10.87 29.45 -15.93
N SER A 154 -10.18 28.86 -14.96
CA SER A 154 -10.82 28.44 -13.72
C SER A 154 -10.52 29.40 -12.59
N THR A 155 -11.46 29.56 -11.67
CA THR A 155 -11.26 30.39 -10.50
C THR A 155 -10.84 29.54 -9.29
N ASP A 156 -10.59 28.25 -9.53
CA ASP A 156 -10.22 27.33 -8.47
C ASP A 156 -8.71 27.08 -8.49
N PRO A 157 -8.02 27.38 -7.39
CA PRO A 157 -6.56 27.22 -7.30
C PRO A 157 -6.06 25.79 -7.49
N CYS A 158 -6.97 24.83 -7.36
CA CYS A 158 -6.61 23.42 -7.53
C CYS A 158 -6.64 22.98 -8.98
N ASP A 159 -7.05 23.88 -9.88
CA ASP A 159 -7.18 23.54 -11.29
C ASP A 159 -5.98 24.02 -12.11
N GLU A 160 -5.75 23.32 -13.22
CA GLU A 160 -4.61 23.58 -14.10
C GLU A 160 -4.70 24.91 -14.84
N THR A 161 -5.91 25.45 -14.96
CA THR A 161 -6.09 26.72 -15.65
C THR A 161 -6.47 27.85 -14.70
N TYR A 162 -6.10 27.72 -13.44
CA TYR A 162 -6.40 28.74 -12.45
C TYR A 162 -5.86 30.09 -12.92
N CYS A 163 -6.71 31.10 -12.88
CA CYS A 163 -6.37 32.40 -13.44
C CYS A 163 -5.71 33.31 -12.41
N GLY A 164 -5.60 32.83 -11.18
CA GLY A 164 -4.94 33.60 -10.13
C GLY A 164 -5.92 34.38 -9.29
N SER A 165 -5.43 34.97 -8.21
CA SER A 165 -6.26 35.78 -7.33
C SER A 165 -6.63 37.10 -7.99
N ALA A 166 -5.85 37.46 -9.02
CA ALA A 166 -6.05 38.70 -9.75
C ALA A 166 -5.08 38.72 -10.91
N ALA A 167 -5.36 39.53 -11.94
CA ALA A 167 -4.45 39.66 -13.06
C ALA A 167 -3.08 40.10 -12.54
N GLU A 168 -2.02 39.47 -13.04
CA GLU A 168 -0.66 39.78 -12.64
C GLU A 168 -0.38 39.55 -11.16
N SER A 169 -1.16 38.65 -10.56
CA SER A 169 -0.93 38.26 -9.17
C SER A 169 0.42 37.57 -8.99
N GLU A 170 0.89 36.90 -10.04
CA GLU A 170 2.16 36.18 -9.98
C GLU A 170 3.34 37.12 -10.22
N LYS A 171 4.38 36.98 -9.41
CA LYS A 171 5.56 37.82 -9.57
C LYS A 171 6.15 37.72 -10.96
N GLU A 172 6.06 36.52 -11.56
CA GLU A 172 6.67 36.30 -12.86
C GLU A 172 5.94 37.05 -13.97
N THR A 173 4.61 36.98 -13.96
CA THR A 173 3.83 37.65 -15.00
C THR A 173 3.84 39.16 -14.77
N LYS A 174 3.86 39.58 -13.52
CA LYS A 174 4.00 41.00 -13.20
C LYS A 174 5.31 41.54 -13.76
N ALA A 175 6.38 40.76 -13.62
CA ALA A 175 7.70 41.21 -14.06
C ALA A 175 7.75 41.35 -15.57
N LEU A 176 7.15 40.40 -16.27
CA LEU A 176 7.13 40.43 -17.74
C LEU A 176 6.27 41.60 -18.24
N ALA A 177 5.11 41.79 -17.62
CA ALA A 177 4.22 42.88 -18.01
C ALA A 177 4.86 44.23 -17.71
N ASP A 178 5.53 44.33 -16.56
CA ASP A 178 6.21 45.57 -16.18
C ASP A 178 7.29 45.91 -17.21
N PHE A 179 8.03 44.91 -17.65
CA PHE A 179 9.10 45.16 -18.60
C PHE A 179 8.54 45.66 -19.93
N ILE A 180 7.50 44.99 -20.42
CA ILE A 180 6.95 45.34 -21.72
C ILE A 180 6.31 46.72 -21.69
N ARG A 181 5.63 47.07 -20.60
CA ARG A 181 5.04 48.39 -20.46
C ARG A 181 6.10 49.48 -20.42
N ASN A 182 7.29 49.12 -19.93
CA ASN A 182 8.40 50.05 -19.82
C ASN A 182 9.09 50.29 -21.17
N ASN A 183 8.81 49.42 -22.14
CA ASN A 183 9.52 49.47 -23.41
C ASN A 183 8.58 49.41 -24.61
N LEU A 184 7.35 49.91 -24.44
CA LEU A 184 6.35 49.85 -25.48
C LEU A 184 6.74 50.61 -26.75
N SER A 185 7.55 51.66 -26.59
CA SER A 185 7.92 52.49 -27.72
C SER A 185 8.87 51.76 -28.68
N SER A 186 9.57 50.75 -28.16
CA SER A 186 10.57 50.05 -28.97
C SER A 186 10.11 48.66 -29.40
N ILE A 187 9.28 48.00 -28.59
CA ILE A 187 8.88 46.63 -28.91
C ILE A 187 7.83 46.60 -30.02
N LYS A 188 8.16 45.94 -31.12
CA LYS A 188 7.33 45.94 -32.30
C LYS A 188 6.62 44.60 -32.54
N ALA A 189 7.14 43.53 -31.94
CA ALA A 189 6.49 42.24 -32.02
C ALA A 189 6.67 41.48 -30.70
N TYR A 190 5.70 40.65 -30.37
CA TYR A 190 5.77 39.79 -29.18
C TYR A 190 5.56 38.34 -29.60
N LEU A 191 6.52 37.49 -29.23
CA LEU A 191 6.46 36.08 -29.58
C LEU A 191 6.58 35.25 -28.31
N THR A 192 5.64 34.32 -28.11
CA THR A 192 5.65 33.51 -26.91
C THR A 192 5.63 32.02 -27.28
N ILE A 193 6.62 31.27 -26.79
CA ILE A 193 6.86 29.92 -27.28
C ILE A 193 6.30 28.86 -26.34
N HIS A 194 5.47 27.99 -26.90
CA HIS A 194 4.82 26.89 -26.17
C HIS A 194 4.99 25.58 -26.95
N SER A 195 4.53 24.48 -26.36
CA SER A 195 4.31 23.24 -27.09
C SER A 195 3.16 22.53 -26.40
N TYR A 196 2.56 21.50 -27.03
CA TYR A 196 2.84 21.10 -28.40
C TYR A 196 1.59 21.41 -29.25
N SER A 197 1.66 21.05 -30.54
CA SER A 197 0.49 21.02 -31.45
C SER A 197 0.83 21.49 -32.86
N GLN A 198 1.98 22.13 -33.01
CA GLN A 198 2.43 22.63 -34.30
C GLN A 198 1.43 23.64 -34.88
N MET A 199 1.33 24.77 -34.20
CA MET A 199 0.45 25.86 -34.61
C MET A 199 1.15 27.21 -34.47
N ILE A 200 0.69 28.18 -35.26
CA ILE A 200 0.95 29.58 -34.97
C ILE A 200 -0.37 30.30 -34.70
N LEU A 201 -0.51 30.84 -33.50
CA LEU A 201 -1.76 31.50 -33.10
C LEU A 201 -1.57 33.01 -32.97
N TYR A 202 -2.60 33.76 -33.36
CA TYR A 202 -2.65 35.19 -33.07
C TYR A 202 -4.00 35.54 -32.45
N PRO A 203 -4.16 36.78 -31.94
CA PRO A 203 -5.38 37.18 -31.23
C PRO A 203 -6.65 37.03 -32.09
N TYR A 204 -7.80 36.88 -31.44
CA TYR A 204 -7.90 36.88 -29.99
C TYR A 204 -8.19 35.49 -29.43
N SER A 205 -7.92 35.33 -28.14
CA SER A 205 -8.22 34.08 -27.45
C SER A 205 -9.19 34.26 -26.28
N TYR A 206 -9.26 35.48 -25.73
CA TYR A 206 -10.18 35.74 -24.63
C TYR A 206 -11.56 36.16 -25.14
N ASP A 207 -11.66 36.31 -26.45
CA ASP A 207 -12.92 36.70 -27.09
C ASP A 207 -12.88 36.27 -28.55
N TYR A 208 -14.06 36.08 -29.15
CA TYR A 208 -14.14 35.65 -30.53
C TYR A 208 -13.98 36.81 -31.52
N LYS A 209 -13.94 38.03 -31.00
CA LYS A 209 -13.72 39.20 -31.84
C LYS A 209 -12.36 39.10 -32.53
N LEU A 210 -12.26 39.64 -33.74
CA LEU A 210 -11.02 39.57 -34.50
C LEU A 210 -10.19 40.84 -34.34
N PRO A 211 -8.86 40.72 -34.47
CA PRO A 211 -7.97 41.88 -34.41
C PRO A 211 -8.11 42.76 -35.66
N GLU A 212 -7.93 44.06 -35.48
CA GLU A 212 -8.02 45.02 -36.57
C GLU A 212 -7.22 44.60 -37.79
N ASN A 213 -6.02 44.09 -37.57
CA ASN A 213 -5.15 43.68 -38.67
C ASN A 213 -5.21 42.17 -38.92
N ASN A 214 -6.37 41.57 -38.66
CA ASN A 214 -6.55 40.14 -38.80
C ASN A 214 -6.10 39.62 -40.15
N ALA A 215 -6.35 40.40 -41.21
CA ALA A 215 -5.99 39.97 -42.56
C ALA A 215 -4.48 39.89 -42.71
N GLU A 216 -3.79 40.89 -42.17
CA GLU A 216 -2.33 40.92 -42.24
C GLU A 216 -1.74 39.78 -41.41
N LEU A 217 -2.25 39.58 -40.21
CA LEU A 217 -1.73 38.55 -39.33
C LEU A 217 -1.92 37.15 -39.92
N ASN A 218 -3.04 36.93 -40.58
CA ASN A 218 -3.29 35.64 -41.21
C ASN A 218 -2.32 35.42 -42.36
N ASN A 219 -2.07 36.46 -43.14
CA ASN A 219 -1.14 36.37 -44.26
C ASN A 219 0.27 36.10 -43.76
N LEU A 220 0.64 36.74 -42.66
CA LEU A 220 1.96 36.58 -42.07
C LEU A 220 2.14 35.16 -41.51
N ALA A 221 1.15 34.68 -40.76
CA ALA A 221 1.22 33.35 -40.19
C ALA A 221 1.26 32.29 -41.27
N LYS A 222 0.48 32.50 -42.33
CA LYS A 222 0.43 31.56 -43.44
C LYS A 222 1.81 31.44 -44.09
N ALA A 223 2.48 32.57 -44.29
CA ALA A 223 3.79 32.56 -44.94
C ALA A 223 4.84 31.94 -44.03
N ALA A 224 4.72 32.19 -42.73
CA ALA A 224 5.67 31.67 -41.76
C ALA A 224 5.59 30.15 -41.66
N VAL A 225 4.37 29.60 -41.67
CA VAL A 225 4.21 28.15 -41.60
C VAL A 225 4.69 27.51 -42.91
N LYS A 226 4.53 28.23 -44.02
CA LYS A 226 5.02 27.74 -45.30
C LYS A 226 6.55 27.67 -45.27
N GLU A 227 7.18 28.70 -44.71
CA GLU A 227 8.63 28.77 -44.61
C GLU A 227 9.15 27.67 -43.69
N LEU A 228 8.46 27.46 -42.58
CA LEU A 228 8.85 26.43 -41.62
C LEU A 228 8.89 25.04 -42.27
N ALA A 229 7.91 24.77 -43.13
CA ALA A 229 7.76 23.45 -43.72
C ALA A 229 8.82 23.11 -44.76
N THR A 230 9.49 24.13 -45.29
CA THR A 230 10.47 23.92 -46.35
C THR A 230 11.65 23.05 -45.89
N LEU A 231 11.91 23.03 -44.59
CA LEU A 231 13.12 22.40 -44.09
C LEU A 231 12.99 20.89 -43.95
N TYR A 232 11.96 20.45 -43.25
CA TYR A 232 11.79 19.02 -42.95
C TYR A 232 10.38 18.52 -43.29
N GLY A 233 9.55 19.42 -43.81
CA GLY A 233 8.21 19.02 -44.21
C GLY A 233 7.20 19.05 -43.07
N THR A 234 7.59 19.63 -41.94
CA THR A 234 6.71 19.68 -40.78
C THR A 234 5.52 20.61 -41.03
N LYS A 235 4.31 20.10 -40.79
CA LYS A 235 3.10 20.85 -41.11
C LYS A 235 2.46 21.53 -39.92
N TYR A 236 2.31 22.85 -40.02
CA TYR A 236 1.65 23.65 -39.00
C TYR A 236 0.29 24.11 -39.49
N THR A 237 -0.64 24.29 -38.55
CA THR A 237 -1.86 25.03 -38.81
C THR A 237 -1.77 26.39 -38.11
N TYR A 238 -2.70 27.29 -38.45
CA TYR A 238 -2.59 28.66 -37.95
C TYR A 238 -3.94 29.39 -37.97
N GLY A 239 -4.02 30.47 -37.20
CA GLY A 239 -5.24 31.24 -37.15
C GLY A 239 -5.45 31.88 -35.79
N PRO A 240 -6.58 32.56 -35.57
CA PRO A 240 -6.92 33.17 -34.28
C PRO A 240 -7.01 32.12 -33.18
N GLY A 241 -6.58 32.48 -31.97
CA GLY A 241 -6.48 31.52 -30.90
C GLY A 241 -7.79 30.84 -30.52
N ALA A 242 -8.85 31.63 -30.40
CA ALA A 242 -10.12 31.12 -29.91
C ALA A 242 -10.67 29.98 -30.79
N THR A 243 -10.53 30.12 -32.10
CA THR A 243 -11.10 29.16 -33.03
C THR A 243 -10.10 28.11 -33.48
N THR A 244 -8.81 28.41 -33.37
CA THR A 244 -7.78 27.52 -33.88
C THR A 244 -7.47 26.40 -32.89
N ILE A 245 -7.64 26.68 -31.61
CA ILE A 245 -7.47 25.66 -30.58
C ILE A 245 -8.60 25.68 -29.55
N TYR A 246 -8.68 26.76 -28.78
CA TYR A 246 -9.83 27.01 -27.91
C TYR A 246 -9.71 28.34 -27.21
N PRO A 247 -10.84 28.88 -26.70
CA PRO A 247 -10.81 30.14 -25.95
C PRO A 247 -10.03 30.02 -24.64
N ALA A 248 -9.22 31.03 -24.37
CA ALA A 248 -8.41 31.05 -23.16
C ALA A 248 -8.07 32.49 -22.80
N ALA A 249 -8.81 33.04 -21.85
CA ALA A 249 -8.65 34.43 -21.46
C ALA A 249 -7.41 34.63 -20.60
N GLY A 250 -6.87 35.85 -20.61
CA GLY A 250 -5.75 36.17 -19.75
C GLY A 250 -4.41 35.77 -20.34
N GLY A 251 -4.38 35.56 -21.65
CA GLY A 251 -3.14 35.17 -22.32
C GLY A 251 -2.22 36.35 -22.59
N SER A 252 -0.92 36.09 -22.59
CA SER A 252 0.06 37.17 -22.73
C SER A 252 0.09 37.74 -24.14
N ASP A 253 -0.21 36.91 -25.13
CA ASP A 253 -0.22 37.39 -26.51
C ASP A 253 -1.37 38.34 -26.79
N ASP A 254 -2.55 38.04 -26.26
CA ASP A 254 -3.69 38.95 -26.38
C ASP A 254 -3.42 40.26 -25.65
N TRP A 255 -2.82 40.16 -24.46
CA TRP A 255 -2.52 41.35 -23.67
C TRP A 255 -1.50 42.23 -24.40
N ALA A 256 -0.42 41.61 -24.85
CA ALA A 256 0.61 42.34 -25.59
C ALA A 256 -0.02 43.09 -26.75
N TYR A 257 -0.92 42.43 -27.48
CA TYR A 257 -1.53 43.02 -28.66
C TYR A 257 -2.38 44.24 -28.30
N ASP A 258 -3.14 44.14 -27.20
CA ASP A 258 -3.99 45.25 -26.80
C ASP A 258 -3.18 46.37 -26.15
N GLN A 259 -1.89 46.11 -25.95
CA GLN A 259 -0.96 47.15 -25.50
C GLN A 259 -0.49 48.00 -26.68
N GLY A 260 -0.73 47.51 -27.90
CA GLY A 260 -0.32 48.23 -29.08
C GLY A 260 0.71 47.48 -29.93
N ILE A 261 1.10 46.30 -29.46
CA ILE A 261 2.06 45.48 -30.20
C ILE A 261 1.33 44.65 -31.25
N LYS A 262 1.39 45.12 -32.49
CA LYS A 262 0.48 44.66 -33.54
C LYS A 262 0.85 43.29 -34.09
N TYR A 263 2.09 42.86 -33.87
CA TYR A 263 2.51 41.54 -34.27
C TYR A 263 2.74 40.68 -33.04
N SER A 264 1.73 39.91 -32.68
CA SER A 264 1.76 39.09 -31.47
C SER A 264 1.34 37.67 -31.81
N PHE A 265 2.20 36.71 -31.48
CA PHE A 265 2.03 35.35 -31.91
C PHE A 265 2.34 34.37 -30.79
N THR A 266 1.55 33.30 -30.71
CA THR A 266 1.90 32.15 -29.89
C THR A 266 2.32 31.01 -30.81
N PHE A 267 3.51 30.48 -30.57
CA PHE A 267 3.96 29.28 -31.27
C PHE A 267 3.70 28.05 -30.43
N GLU A 268 3.16 27.01 -31.07
CA GLU A 268 3.10 25.69 -30.47
C GLU A 268 3.99 24.78 -31.29
N LEU A 269 5.12 24.35 -30.73
CA LEU A 269 6.08 23.55 -31.47
C LEU A 269 5.68 22.08 -31.54
N ARG A 270 6.60 21.22 -31.99
CA ARG A 270 6.32 19.79 -32.15
C ARG A 270 5.94 19.18 -30.79
N ASP A 271 5.25 18.03 -30.81
CA ASP A 271 4.73 17.44 -32.03
C ASP A 271 3.21 17.55 -32.07
N LYS A 272 2.54 16.51 -32.53
CA LYS A 272 1.08 16.52 -32.68
C LYS A 272 0.42 15.59 -31.69
N GLY A 273 1.20 15.03 -30.77
CA GLY A 273 0.62 14.23 -29.70
C GLY A 273 1.23 12.87 -29.49
N ARG A 274 2.07 12.42 -30.43
CA ARG A 274 2.71 11.12 -30.29
C ARG A 274 3.53 11.09 -29.01
N TYR A 275 4.36 12.11 -28.82
CA TYR A 275 5.14 12.25 -27.61
C TYR A 275 4.62 13.38 -26.73
N GLY A 276 3.91 14.32 -27.33
CA GLY A 276 3.35 15.42 -26.57
C GLY A 276 4.42 16.28 -25.91
N PHE A 277 4.28 16.49 -24.61
CA PHE A 277 5.21 17.32 -23.86
C PHE A 277 6.57 16.64 -23.71
N ILE A 278 6.57 15.31 -23.79
CA ILE A 278 7.79 14.56 -23.58
C ILE A 278 8.48 14.31 -24.92
N LEU A 279 8.72 15.40 -25.65
CA LEU A 279 9.36 15.32 -26.96
C LEU A 279 10.80 14.83 -26.79
N PRO A 280 11.19 13.80 -27.56
CA PRO A 280 12.54 13.24 -27.43
C PRO A 280 13.63 14.27 -27.69
N GLU A 281 14.74 14.17 -26.96
CA GLU A 281 15.86 15.07 -27.19
C GLU A 281 16.37 14.96 -28.63
N SER A 282 16.11 13.81 -29.27
CA SER A 282 16.55 13.60 -30.64
C SER A 282 15.81 14.48 -31.64
N GLN A 283 14.76 15.16 -31.19
CA GLN A 283 14.02 16.06 -32.07
C GLN A 283 14.30 17.54 -31.79
N ILE A 284 15.15 17.82 -30.80
CA ILE A 284 15.43 19.22 -30.45
C ILE A 284 16.02 20.00 -31.63
N GLN A 285 17.06 19.45 -32.26
CA GLN A 285 17.74 20.17 -33.33
C GLN A 285 16.81 20.49 -34.50
N ALA A 286 16.11 19.46 -34.99
CA ALA A 286 15.22 19.65 -36.13
C ALA A 286 14.09 20.63 -35.81
N THR A 287 13.51 20.48 -34.62
CA THR A 287 12.43 21.36 -34.19
C THR A 287 12.91 22.80 -34.14
N CYS A 288 14.08 23.01 -33.55
CA CYS A 288 14.59 24.36 -33.38
C CYS A 288 14.98 24.98 -34.71
N GLU A 289 15.57 24.18 -35.58
CA GLU A 289 16.02 24.66 -36.89
C GLU A 289 14.84 25.16 -37.73
N GLU A 290 13.77 24.37 -37.80
CA GLU A 290 12.62 24.77 -38.60
C GLU A 290 11.90 25.96 -37.97
N THR A 291 11.86 26.00 -36.64
CA THR A 291 11.23 27.11 -35.94
C THR A 291 12.00 28.42 -36.20
N MET A 292 13.33 28.31 -36.25
CA MET A 292 14.17 29.46 -36.57
C MET A 292 13.75 30.13 -37.88
N LEU A 293 13.38 29.32 -38.86
CA LEU A 293 13.02 29.85 -40.16
C LEU A 293 11.75 30.69 -40.06
N ALA A 294 10.81 30.23 -39.25
CA ALA A 294 9.57 30.98 -39.06
C ALA A 294 9.82 32.26 -38.28
N ILE A 295 10.66 32.18 -37.26
CA ILE A 295 10.95 33.35 -36.44
C ILE A 295 11.70 34.40 -37.26
N LYS A 296 12.63 33.95 -38.09
CA LYS A 296 13.38 34.86 -38.95
C LYS A 296 12.52 35.47 -40.06
N TYR A 297 11.59 34.67 -40.60
CA TYR A 297 10.67 35.21 -41.60
C TYR A 297 9.84 36.33 -41.00
N VAL A 298 9.30 36.10 -39.80
CA VAL A 298 8.52 37.11 -39.10
C VAL A 298 9.37 38.35 -38.80
N THR A 299 10.61 38.13 -38.38
CA THR A 299 11.51 39.24 -38.09
C THR A 299 11.76 40.09 -39.35
N ASN A 300 12.00 39.41 -40.46
CA ASN A 300 12.26 40.09 -41.73
C ASN A 300 11.06 40.94 -42.14
N TYR A 301 9.86 40.40 -41.95
CA TYR A 301 8.63 41.12 -42.26
C TYR A 301 8.46 42.34 -41.37
N VAL A 302 8.64 42.16 -40.07
CA VAL A 302 8.46 43.23 -39.10
C VAL A 302 9.41 44.41 -39.38
N LEU A 303 10.65 44.10 -39.71
CA LEU A 303 11.63 45.14 -39.99
C LEU A 303 11.22 45.99 -41.18
N GLY A 304 10.40 45.41 -42.06
CA GLY A 304 9.90 46.15 -43.20
C GLY A 304 8.61 46.90 -42.90
N HIS A 305 8.21 46.93 -41.64
CA HIS A 305 6.97 47.57 -41.24
C HIS A 305 7.11 48.32 -39.92
N LEU A 306 8.12 49.18 -39.83
CA LEU A 306 8.35 49.96 -38.63
C LEU A 306 7.63 51.31 -38.69
N GLY B 3 -12.97 10.39 -21.62
CA GLY B 3 -13.85 10.98 -20.62
C GLY B 3 -14.13 10.05 -19.46
N HIS B 4 -14.84 10.57 -18.47
CA HIS B 4 -15.16 9.79 -17.28
C HIS B 4 -16.32 8.83 -17.51
N SER B 5 -16.20 7.61 -17.00
CA SER B 5 -17.32 6.65 -16.96
C SER B 5 -17.38 5.98 -15.59
N TYR B 6 -18.59 5.78 -15.07
CA TYR B 6 -18.75 5.09 -13.79
C TYR B 6 -18.64 3.58 -13.92
N GLU B 7 -18.70 3.06 -15.14
CA GLU B 7 -18.50 1.63 -15.36
C GLU B 7 -17.19 1.32 -16.09
N LYS B 8 -16.23 2.24 -15.97
CA LYS B 8 -14.86 1.97 -16.38
C LYS B 8 -13.90 2.45 -15.29
N TYR B 9 -12.70 1.91 -15.28
CA TYR B 9 -11.66 2.42 -14.39
C TYR B 9 -11.05 3.67 -15.03
N ASN B 10 -11.00 4.75 -14.26
CA ASN B 10 -10.58 6.05 -14.80
C ASN B 10 -9.19 6.42 -14.28
N ASN B 11 -8.36 6.99 -15.14
CA ASN B 11 -7.04 7.40 -14.70
C ASN B 11 -7.14 8.65 -13.83
N TRP B 12 -6.04 9.03 -13.19
CA TRP B 12 -6.10 10.11 -12.22
C TRP B 12 -6.53 11.43 -12.84
N GLU B 13 -6.03 11.75 -14.03
CA GLU B 13 -6.41 13.00 -14.67
C GLU B 13 -7.93 13.07 -14.83
N THR B 14 -8.53 11.93 -15.17
CA THR B 14 -9.97 11.85 -15.37
C THR B 14 -10.74 11.91 -14.05
N ILE B 15 -10.23 11.24 -13.02
CA ILE B 15 -10.85 11.31 -11.70
C ILE B 15 -10.78 12.74 -11.16
N GLU B 16 -9.61 13.37 -11.29
CA GLU B 16 -9.46 14.75 -10.87
C GLU B 16 -10.47 15.67 -11.58
N ALA B 17 -10.58 15.55 -12.89
CA ALA B 17 -11.53 16.38 -13.64
C ALA B 17 -12.95 16.08 -13.19
N TRP B 18 -13.19 14.83 -12.82
CA TRP B 18 -14.51 14.42 -12.35
C TRP B 18 -14.85 15.07 -11.00
N THR B 19 -13.88 15.18 -10.10
CA THR B 19 -14.15 15.80 -8.80
C THR B 19 -14.58 17.25 -8.98
N LYS B 20 -14.00 17.93 -9.97
CA LYS B 20 -14.39 19.30 -10.24
C LYS B 20 -15.78 19.37 -10.85
N GLN B 21 -16.03 18.52 -11.84
CA GLN B 21 -17.31 18.54 -12.55
C GLN B 21 -18.49 18.20 -11.65
N VAL B 22 -18.37 17.10 -10.90
CA VAL B 22 -19.49 16.64 -10.09
C VAL B 22 -19.77 17.66 -8.97
N THR B 23 -18.73 18.33 -8.50
CA THR B 23 -18.91 19.37 -7.49
C THR B 23 -19.58 20.61 -8.10
N SER B 24 -19.11 21.04 -9.26
CA SER B 24 -19.68 22.21 -9.92
C SER B 24 -21.15 22.00 -10.28
N GLU B 25 -21.51 20.76 -10.57
CA GLU B 25 -22.88 20.43 -10.96
C GLU B 25 -23.81 20.28 -9.76
N ASN B 26 -23.24 20.18 -8.57
CA ASN B 26 -24.02 19.89 -7.37
C ASN B 26 -23.52 20.66 -6.15
N PRO B 27 -23.40 21.99 -6.27
CA PRO B 27 -22.82 22.79 -5.18
C PRO B 27 -23.69 22.72 -3.93
N ASP B 28 -24.96 22.37 -4.11
CA ASP B 28 -25.90 22.30 -3.01
C ASP B 28 -25.79 21.01 -2.21
N LEU B 29 -24.99 20.07 -2.70
CA LEU B 29 -24.80 18.80 -2.00
C LEU B 29 -23.33 18.40 -1.84
N ILE B 30 -22.44 19.00 -2.63
CA ILE B 30 -21.03 18.65 -2.61
C ILE B 30 -20.14 19.87 -2.50
N SER B 31 -19.20 19.85 -1.57
CA SER B 31 -18.09 20.80 -1.58
C SER B 31 -16.76 20.05 -1.67
N ARG B 32 -15.85 20.57 -2.49
CA ARG B 32 -14.55 19.93 -2.68
C ARG B 32 -13.46 20.76 -2.02
N THR B 33 -12.60 20.10 -1.26
CA THR B 33 -11.37 20.72 -0.78
C THR B 33 -10.21 19.78 -1.08
N ALA B 34 -8.99 20.28 -0.91
CA ALA B 34 -7.82 19.42 -0.88
C ALA B 34 -7.28 19.41 0.54
N ILE B 35 -6.91 18.24 1.04
CA ILE B 35 -6.42 18.16 2.41
C ILE B 35 -4.90 18.05 2.48
N GLY B 36 -4.25 18.12 1.31
CA GLY B 36 -2.81 18.09 1.27
C GLY B 36 -2.32 17.73 -0.13
N THR B 37 -1.02 17.52 -0.26
CA THR B 37 -0.43 17.12 -1.53
C THR B 37 0.32 15.81 -1.36
N THR B 38 0.43 15.04 -2.44
CA THR B 38 1.16 13.77 -2.40
C THR B 38 2.65 14.02 -2.51
N PHE B 39 3.43 12.96 -2.40
CA PHE B 39 4.88 13.07 -2.53
C PHE B 39 5.25 13.72 -3.86
N LEU B 40 4.52 13.39 -4.92
CA LEU B 40 4.82 13.92 -6.25
C LEU B 40 4.02 15.18 -6.59
N GLY B 41 3.32 15.74 -5.60
CA GLY B 41 2.71 17.04 -5.77
C GLY B 41 1.28 17.05 -6.32
N ASN B 42 0.61 15.91 -6.31
CA ASN B 42 -0.79 15.83 -6.72
C ASN B 42 -1.71 16.24 -5.58
N ASN B 43 -2.90 16.74 -5.91
CA ASN B 43 -3.83 17.26 -4.91
C ASN B 43 -4.70 16.14 -4.32
N ILE B 44 -4.70 16.00 -3.00
CA ILE B 44 -5.51 14.97 -2.35
C ILE B 44 -6.90 15.54 -2.08
N TYR B 45 -7.83 15.26 -2.98
CA TYR B 45 -9.17 15.83 -2.89
C TYR B 45 -10.05 15.11 -1.88
N LEU B 46 -10.90 15.88 -1.22
CA LEU B 46 -11.92 15.35 -0.32
C LEU B 46 -13.25 15.96 -0.70
N LEU B 47 -14.28 15.12 -0.84
CA LEU B 47 -15.62 15.59 -1.17
C LEU B 47 -16.52 15.48 0.05
N LYS B 48 -17.09 16.61 0.47
CA LYS B 48 -18.04 16.63 1.56
C LYS B 48 -19.44 16.57 0.96
N VAL B 49 -20.09 15.43 1.12
CA VAL B 49 -21.39 15.20 0.49
C VAL B 49 -22.49 15.25 1.56
N GLY B 50 -23.47 16.12 1.33
CA GLY B 50 -24.52 16.33 2.31
C GLY B 50 -25.17 17.69 2.14
N LYS B 51 -26.35 17.84 2.73
CA LYS B 51 -27.05 19.12 2.72
C LYS B 51 -26.47 19.97 3.84
N PRO B 52 -25.83 21.10 3.50
CA PRO B 52 -25.15 21.89 4.52
C PRO B 52 -26.05 22.30 5.68
N GLY B 53 -25.50 22.24 6.90
CA GLY B 53 -26.26 22.58 8.08
C GLY B 53 -25.36 22.65 9.30
N PRO B 54 -25.88 23.19 10.43
CA PRO B 54 -25.11 23.36 11.66
C PRO B 54 -24.87 22.08 12.44
N ASN B 55 -23.69 21.96 13.03
CA ASN B 55 -23.33 20.87 13.94
C ASN B 55 -23.80 19.49 13.47
N LYS B 56 -23.53 19.17 12.21
CA LYS B 56 -23.86 17.86 11.68
C LYS B 56 -22.77 16.84 12.02
N PRO B 57 -23.16 15.63 12.43
CA PRO B 57 -22.21 14.52 12.54
C PRO B 57 -21.80 14.07 11.14
N ALA B 58 -20.74 13.26 11.05
CA ALA B 58 -20.21 12.87 9.76
C ALA B 58 -19.74 11.43 9.74
N ILE B 59 -19.72 10.86 8.54
CA ILE B 59 -19.06 9.58 8.29
C ILE B 59 -17.95 9.82 7.28
N PHE B 60 -16.77 9.28 7.57
CA PHE B 60 -15.62 9.46 6.69
C PHE B 60 -15.33 8.16 5.96
N MET B 61 -15.20 8.24 4.64
CA MET B 61 -14.90 7.07 3.81
C MET B 61 -13.79 7.39 2.82
N ASP B 62 -12.79 6.51 2.74
CA ASP B 62 -11.76 6.67 1.72
C ASP B 62 -11.63 5.45 0.83
N CYS B 63 -11.08 5.69 -0.35
CA CYS B 63 -10.77 4.62 -1.31
C CYS B 63 -9.34 4.80 -1.80
N GLY B 64 -8.80 3.76 -2.43
CA GLY B 64 -7.52 3.90 -3.11
C GLY B 64 -6.29 4.02 -2.22
N PHE B 65 -6.32 3.42 -1.04
CA PHE B 65 -5.10 3.26 -0.24
C PHE B 65 -4.06 2.49 -1.06
N HIS B 66 -4.48 1.37 -1.63
CA HIS B 66 -3.56 0.49 -2.32
C HIS B 66 -3.76 0.60 -3.83
N ALA B 67 -2.67 0.89 -4.53
CA ALA B 67 -2.73 1.38 -5.91
C ALA B 67 -3.45 0.42 -6.87
N ARG B 68 -3.19 -0.87 -6.72
CA ARG B 68 -3.68 -1.85 -7.69
C ARG B 68 -5.14 -2.24 -7.47
N GLU B 69 -5.73 -1.79 -6.37
CA GLU B 69 -7.09 -2.19 -6.02
C GLU B 69 -8.13 -1.28 -6.69
N TRP B 70 -8.18 -1.34 -8.02
CA TRP B 70 -8.91 -0.35 -8.82
C TRP B 70 -10.41 -0.28 -8.55
N ILE B 71 -11.01 -1.37 -8.10
CA ILE B 71 -12.45 -1.36 -7.84
C ILE B 71 -12.76 -0.47 -6.63
N SER B 72 -11.77 -0.29 -5.75
CA SER B 72 -11.93 0.62 -4.62
C SER B 72 -12.18 2.04 -5.10
N HIS B 73 -11.29 2.54 -5.95
CA HIS B 73 -11.42 3.90 -6.48
C HIS B 73 -12.78 4.02 -7.17
N ALA B 74 -13.14 3.00 -7.92
CA ALA B 74 -14.39 3.02 -8.67
C ALA B 74 -15.59 3.16 -7.74
N PHE B 75 -15.54 2.53 -6.57
CA PHE B 75 -16.67 2.60 -5.66
C PHE B 75 -16.90 3.99 -5.08
N CYS B 76 -15.84 4.70 -4.69
CA CYS B 76 -16.04 6.03 -4.15
C CYS B 76 -16.74 6.93 -5.17
N GLN B 77 -16.40 6.78 -6.44
CA GLN B 77 -17.05 7.58 -7.48
C GLN B 77 -18.52 7.19 -7.59
N TRP B 78 -18.79 5.89 -7.62
CA TRP B 78 -20.16 5.39 -7.70
C TRP B 78 -21.03 5.95 -6.57
N PHE B 79 -20.48 5.94 -5.35
CA PHE B 79 -21.22 6.38 -4.18
C PHE B 79 -21.66 7.83 -4.32
N VAL B 80 -20.76 8.69 -4.78
CA VAL B 80 -21.06 10.10 -4.88
C VAL B 80 -22.22 10.35 -5.84
N ARG B 81 -22.24 9.66 -6.98
CA ARG B 81 -23.33 9.87 -7.93
C ARG B 81 -24.67 9.41 -7.35
N GLU B 82 -24.68 8.23 -6.74
CA GLU B 82 -25.90 7.71 -6.15
C GLU B 82 -26.46 8.68 -5.11
N ALA B 83 -25.56 9.25 -4.30
CA ALA B 83 -25.97 10.17 -3.25
C ALA B 83 -26.69 11.38 -3.83
N VAL B 84 -26.06 12.03 -4.80
CA VAL B 84 -26.60 13.28 -5.30
C VAL B 84 -27.80 13.07 -6.22
N LEU B 85 -27.84 11.95 -6.94
CA LEU B 85 -28.95 11.68 -7.84
C LEU B 85 -30.23 11.27 -7.11
N THR B 86 -30.09 10.54 -6.00
CA THR B 86 -31.27 10.05 -5.30
C THR B 86 -31.73 10.96 -4.15
N TYR B 87 -30.92 11.96 -3.81
CA TYR B 87 -31.32 12.88 -2.75
C TYR B 87 -32.61 13.61 -3.11
N GLY B 88 -33.58 13.53 -2.21
CA GLY B 88 -34.85 14.17 -2.44
C GLY B 88 -35.89 13.21 -2.99
N TYR B 89 -35.48 11.97 -3.25
CA TYR B 89 -36.36 11.00 -3.88
C TYR B 89 -36.40 9.67 -3.13
N GLU B 90 -35.23 9.15 -2.79
CA GLU B 90 -35.16 7.96 -1.95
C GLU B 90 -35.07 8.41 -0.49
N SER B 91 -36.02 7.97 0.33
CA SER B 91 -36.21 8.57 1.66
C SER B 91 -34.99 8.41 2.57
N HIS B 92 -34.33 7.26 2.49
CA HIS B 92 -33.22 6.99 3.39
C HIS B 92 -32.00 7.85 3.07
N MET B 93 -31.59 7.88 1.82
CA MET B 93 -30.48 8.73 1.41
C MET B 93 -30.79 10.19 1.67
N THR B 94 -32.05 10.57 1.53
CA THR B 94 -32.46 11.94 1.81
C THR B 94 -32.27 12.24 3.30
N GLU B 95 -32.69 11.32 4.16
CA GLU B 95 -32.46 11.49 5.59
C GLU B 95 -30.96 11.51 5.90
N PHE B 96 -30.21 10.63 5.26
CA PHE B 96 -28.76 10.58 5.49
C PHE B 96 -28.12 11.95 5.24
N LEU B 97 -28.41 12.52 4.08
CA LEU B 97 -27.72 13.75 3.68
C LEU B 97 -28.25 14.97 4.43
N ASN B 98 -29.48 14.89 4.92
CA ASN B 98 -30.01 15.97 5.76
C ASN B 98 -29.39 15.97 7.15
N LYS B 99 -29.20 14.78 7.72
CA LYS B 99 -28.76 14.67 9.11
C LYS B 99 -27.24 14.59 9.30
N LEU B 100 -26.54 14.06 8.31
CA LEU B 100 -25.09 13.94 8.42
C LEU B 100 -24.38 14.30 7.13
N ASP B 101 -23.06 14.44 7.21
CA ASP B 101 -22.22 14.64 6.04
C ASP B 101 -21.39 13.38 5.79
N PHE B 102 -21.19 13.06 4.51
CA PHE B 102 -20.21 12.04 4.13
C PHE B 102 -18.96 12.73 3.64
N TYR B 103 -17.83 12.48 4.28
CA TYR B 103 -16.56 12.87 3.69
C TYR B 103 -16.05 11.72 2.84
N VAL B 104 -15.97 11.93 1.53
CA VAL B 104 -15.49 10.91 0.61
C VAL B 104 -14.13 11.32 0.04
N LEU B 105 -13.11 10.52 0.32
CA LEU B 105 -11.77 10.75 -0.21
C LEU B 105 -11.56 9.75 -1.33
N PRO B 106 -11.74 10.18 -2.59
CA PRO B 106 -11.83 9.21 -3.68
C PRO B 106 -10.55 8.42 -3.97
N VAL B 107 -9.39 9.06 -3.86
CA VAL B 107 -8.12 8.37 -4.00
C VAL B 107 -7.11 8.92 -3.02
N LEU B 108 -6.66 8.09 -2.07
CA LEU B 108 -5.63 8.52 -1.15
C LEU B 108 -4.24 8.42 -1.79
N ASN B 109 -3.90 7.24 -2.28
CA ASN B 109 -2.57 6.98 -2.83
C ASN B 109 -2.55 7.27 -4.33
N ILE B 110 -2.61 8.55 -4.66
CA ILE B 110 -2.67 8.99 -6.04
C ILE B 110 -1.40 8.65 -6.83
N ASP B 111 -0.24 8.83 -6.21
CA ASP B 111 1.01 8.59 -6.92
C ASP B 111 1.15 7.12 -7.31
N GLY B 112 0.82 6.22 -6.39
CA GLY B 112 0.84 4.80 -6.72
C GLY B 112 -0.17 4.44 -7.80
N TYR B 113 -1.36 5.04 -7.72
CA TYR B 113 -2.38 4.78 -8.72
C TYR B 113 -1.89 5.13 -10.12
N ILE B 114 -1.28 6.31 -10.25
CA ILE B 114 -0.73 6.73 -11.55
C ILE B 114 0.30 5.71 -12.03
N TYR B 115 1.14 5.23 -11.12
CA TYR B 115 2.16 4.25 -11.46
C TYR B 115 1.54 2.94 -11.99
N THR B 116 0.38 2.54 -11.46
CA THR B 116 -0.26 1.31 -11.94
C THR B 116 -0.84 1.50 -13.34
N TRP B 117 -1.11 2.74 -13.73
CA TRP B 117 -1.57 3.06 -15.07
C TRP B 117 -0.42 3.20 -16.07
N THR B 118 0.76 3.58 -15.59
CA THR B 118 1.86 3.93 -16.48
C THR B 118 2.98 2.89 -16.55
N LYS B 119 3.19 2.12 -15.49
CA LYS B 119 4.38 1.27 -15.42
C LYS B 119 4.16 -0.15 -14.91
N ASN B 120 3.36 -0.30 -13.87
CA ASN B 120 3.23 -1.59 -13.21
C ASN B 120 1.85 -1.73 -12.57
N ARG B 121 1.00 -2.51 -13.21
CA ARG B 121 -0.41 -2.65 -12.82
C ARG B 121 -0.56 -3.24 -11.42
N MET B 122 0.49 -3.90 -10.94
CA MET B 122 0.43 -4.60 -9.66
C MET B 122 1.11 -3.85 -8.52
N TRP B 123 1.44 -2.58 -8.73
CA TRP B 123 2.03 -1.78 -7.65
C TRP B 123 1.02 -1.56 -6.52
N ARG B 124 1.52 -1.50 -5.29
CA ARG B 124 0.69 -1.43 -4.09
C ARG B 124 0.94 -0.15 -3.30
N LYS B 125 2.22 0.15 -3.08
CA LYS B 125 2.62 1.17 -2.13
C LYS B 125 2.54 2.58 -2.70
N THR B 126 3.00 3.56 -1.91
CA THR B 126 3.17 4.92 -2.40
C THR B 126 4.40 4.96 -3.31
N ARG B 127 4.81 6.15 -3.72
CA ARG B 127 5.95 6.29 -4.61
C ARG B 127 7.03 7.22 -4.05
N SER B 128 7.06 7.37 -2.72
CA SER B 128 8.09 8.18 -2.10
C SER B 128 9.43 7.44 -2.06
N THR B 129 10.51 8.21 -2.04
CA THR B 129 11.85 7.62 -1.98
C THR B 129 12.22 7.23 -0.56
N ASN B 130 13.17 6.32 -0.45
CA ASN B 130 13.64 5.85 0.85
C ASN B 130 15.14 6.02 0.95
N ALA B 131 15.60 6.56 2.08
CA ALA B 131 17.02 6.84 2.27
C ALA B 131 17.84 5.55 2.25
N GLY B 132 18.95 5.58 1.50
CA GLY B 132 19.90 4.48 1.56
C GLY B 132 19.55 3.27 0.72
N THR B 133 18.52 3.39 -0.12
CA THR B 133 18.10 2.30 -0.98
C THR B 133 17.45 2.84 -2.24
N THR B 134 17.37 2.00 -3.28
CA THR B 134 16.67 2.37 -4.49
C THR B 134 15.22 1.88 -4.46
N CYS B 135 14.87 1.14 -3.41
CA CYS B 135 13.50 0.67 -3.27
C CYS B 135 12.55 1.81 -2.95
N ILE B 136 11.39 1.80 -3.60
CA ILE B 136 10.43 2.90 -3.55
C ILE B 136 9.19 2.52 -2.77
N GLY B 137 8.68 3.46 -1.97
CA GLY B 137 7.33 3.34 -1.47
C GLY B 137 7.13 2.78 -0.07
N THR B 138 6.06 3.23 0.55
CA THR B 138 5.63 2.75 1.87
C THR B 138 4.22 2.21 1.73
N ASP B 139 3.88 1.19 2.52
CA ASP B 139 2.52 0.68 2.56
C ASP B 139 1.69 1.64 3.41
N PRO B 140 0.76 2.37 2.79
CA PRO B 140 -0.01 3.34 3.59
C PRO B 140 -0.80 2.70 4.73
N ASN B 141 -1.21 1.45 4.55
CA ASN B 141 -1.99 0.77 5.58
C ASN B 141 -1.09 0.05 6.60
N ARG B 142 0.19 0.40 6.59
CA ARG B 142 1.07 0.08 7.71
C ARG B 142 1.70 1.35 8.30
N ASN B 143 1.19 2.52 7.89
CA ASN B 143 1.86 3.78 8.20
C ASN B 143 1.10 4.65 9.22
N PHE B 144 0.02 4.12 9.78
CA PHE B 144 -0.72 4.87 10.81
C PHE B 144 -0.30 4.49 12.22
N ASP B 145 -0.61 5.36 13.16
CA ASP B 145 -0.11 5.27 14.54
C ASP B 145 -1.00 4.33 15.35
N ALA B 146 -1.04 3.06 14.93
CA ALA B 146 -1.84 2.04 15.59
C ALA B 146 -0.97 0.80 15.77
N GLY B 147 -0.46 0.60 16.98
CA GLY B 147 0.54 -0.43 17.19
C GLY B 147 1.63 -0.38 16.14
N TRP B 148 2.08 0.82 15.77
CA TRP B 148 2.84 1.02 14.54
C TRP B 148 4.08 0.12 14.41
N CYS B 149 4.14 -0.57 13.28
CA CYS B 149 5.26 -1.43 12.88
C CYS B 149 5.61 -2.55 13.87
N THR B 150 4.64 -2.97 14.69
CA THR B 150 4.92 -3.97 15.71
C THR B 150 4.66 -5.41 15.28
N THR B 151 3.76 -5.61 14.33
CA THR B 151 3.46 -6.95 13.84
C THR B 151 2.83 -6.89 12.45
N GLY B 152 3.09 -7.89 11.62
CA GLY B 152 2.51 -7.91 10.28
C GLY B 152 2.98 -6.75 9.42
N ALA B 153 4.13 -6.19 9.77
CA ALA B 153 4.70 -5.07 9.02
C ALA B 153 6.22 -5.23 8.95
N SER B 154 6.81 -4.71 7.87
CA SER B 154 8.24 -4.89 7.63
C SER B 154 9.01 -3.58 7.76
N THR B 155 10.22 -3.66 8.32
CA THR B 155 11.11 -2.51 8.37
C THR B 155 12.00 -2.42 7.14
N ASP B 156 11.83 -3.36 6.21
CA ASP B 156 12.58 -3.34 4.95
C ASP B 156 11.83 -2.50 3.92
N PRO B 157 12.45 -1.40 3.46
CA PRO B 157 11.84 -0.50 2.48
C PRO B 157 11.44 -1.22 1.19
N CYS B 158 12.07 -2.34 0.91
CA CYS B 158 11.80 -3.09 -0.32
C CYS B 158 10.57 -3.99 -0.21
N ASP B 159 10.06 -4.14 1.01
CA ASP B 159 8.92 -5.02 1.27
C ASP B 159 7.59 -4.37 0.90
N GLU B 160 6.62 -5.18 0.54
CA GLU B 160 5.29 -4.70 0.18
C GLU B 160 4.52 -4.16 1.39
N THR B 161 4.95 -4.55 2.58
CA THR B 161 4.33 -4.09 3.82
C THR B 161 5.24 -3.14 4.61
N TYR B 162 6.15 -2.47 3.93
CA TYR B 162 7.06 -1.53 4.60
C TYR B 162 6.27 -0.50 5.39
N CYS B 163 6.63 -0.33 6.65
CA CYS B 163 5.85 0.49 7.55
C CYS B 163 6.26 1.97 7.54
N GLY B 164 7.33 2.28 6.81
CA GLY B 164 7.82 3.64 6.74
C GLY B 164 8.85 3.93 7.82
N SER B 165 9.37 5.16 7.84
CA SER B 165 10.41 5.52 8.79
C SER B 165 9.82 5.85 10.16
N ALA B 166 8.57 6.27 10.17
CA ALA B 166 7.82 6.55 11.39
C ALA B 166 6.34 6.56 11.04
N ALA B 167 5.47 6.45 12.04
CA ALA B 167 4.05 6.61 11.78
C ALA B 167 3.81 7.98 11.13
N GLU B 168 2.97 8.01 10.09
CA GLU B 168 2.63 9.22 9.36
C GLU B 168 3.81 9.87 8.63
N SER B 169 4.84 9.08 8.33
CA SER B 169 5.99 9.56 7.56
C SER B 169 5.62 9.91 6.12
N GLU B 170 4.53 9.33 5.62
CA GLU B 170 4.06 9.65 4.28
C GLU B 170 3.17 10.89 4.29
N LYS B 171 3.33 11.76 3.31
CA LYS B 171 2.52 12.97 3.24
C LYS B 171 1.03 12.63 3.18
N GLU B 172 0.69 11.54 2.49
CA GLU B 172 -0.71 11.21 2.27
C GLU B 172 -1.40 10.76 3.56
N THR B 173 -0.70 9.95 4.36
CA THR B 173 -1.27 9.46 5.60
C THR B 173 -1.30 10.55 6.67
N LYS B 174 -0.27 11.39 6.70
CA LYS B 174 -0.28 12.55 7.59
C LYS B 174 -1.45 13.48 7.25
N ALA B 175 -1.70 13.67 5.96
CA ALA B 175 -2.81 14.52 5.55
C ALA B 175 -4.14 13.97 6.05
N LEU B 176 -4.34 12.66 5.89
CA LEU B 176 -5.60 12.05 6.28
C LEU B 176 -5.76 12.08 7.80
N ALA B 177 -4.68 11.77 8.52
CA ALA B 177 -4.71 11.78 9.98
C ALA B 177 -4.93 13.19 10.50
N ASP B 178 -4.29 14.17 9.89
CA ASP B 178 -4.49 15.57 10.26
C ASP B 178 -5.96 15.95 10.14
N PHE B 179 -6.59 15.58 9.02
CA PHE B 179 -7.98 15.95 8.81
C PHE B 179 -8.90 15.32 9.85
N ILE B 180 -8.72 14.03 10.11
CA ILE B 180 -9.56 13.36 11.09
C ILE B 180 -9.36 13.91 12.50
N ARG B 181 -8.11 14.16 12.88
CA ARG B 181 -7.85 14.79 14.19
C ARG B 181 -8.57 16.14 14.32
N ASN B 182 -8.65 16.89 13.23
CA ASN B 182 -9.25 18.22 13.28
C ASN B 182 -10.78 18.19 13.30
N ASN B 183 -11.36 17.04 12.98
CA ASN B 183 -12.81 16.91 12.90
C ASN B 183 -13.33 15.76 13.77
N LEU B 184 -12.58 15.45 14.82
CA LEU B 184 -12.84 14.26 15.63
C LEU B 184 -14.21 14.30 16.30
N SER B 185 -14.64 15.48 16.73
CA SER B 185 -15.90 15.61 17.45
C SER B 185 -17.12 15.35 16.58
N SER B 186 -16.94 15.40 15.26
CA SER B 186 -18.07 15.22 14.34
C SER B 186 -18.10 13.83 13.69
N ILE B 187 -16.93 13.23 13.50
CA ILE B 187 -16.84 11.96 12.77
C ILE B 187 -17.23 10.77 13.64
N LYS B 188 -18.27 10.05 13.24
CA LYS B 188 -18.86 9.00 14.06
C LYS B 188 -18.56 7.61 13.51
N ALA B 189 -18.17 7.55 12.24
CA ALA B 189 -17.78 6.28 11.63
C ALA B 189 -16.68 6.51 10.61
N TYR B 190 -15.84 5.48 10.45
CA TYR B 190 -14.75 5.51 9.48
C TYR B 190 -14.84 4.24 8.63
N LEU B 191 -14.85 4.43 7.32
CA LEU B 191 -14.99 3.31 6.38
C LEU B 191 -13.86 3.40 5.36
N THR B 192 -13.08 2.33 5.23
CA THR B 192 -11.99 2.34 4.27
C THR B 192 -12.09 1.16 3.30
N ILE B 193 -12.03 1.47 1.99
CA ILE B 193 -12.43 0.52 0.96
C ILE B 193 -11.19 -0.09 0.27
N HIS B 194 -11.12 -1.42 0.27
CA HIS B 194 -10.02 -2.16 -0.35
C HIS B 194 -10.61 -3.26 -1.26
N SER B 195 -9.73 -3.97 -1.96
CA SER B 195 -10.09 -5.28 -2.55
C SER B 195 -8.82 -6.14 -2.52
N TYR B 196 -8.96 -7.46 -2.67
CA TYR B 196 -10.21 -8.18 -2.84
C TYR B 196 -10.34 -9.16 -1.66
N SER B 197 -11.48 -9.86 -1.59
CA SER B 197 -11.68 -11.02 -0.70
C SER B 197 -13.11 -11.12 -0.18
N GLN B 198 -13.90 -10.08 -0.40
CA GLN B 198 -15.30 -10.07 0.03
C GLN B 198 -15.41 -10.25 1.54
N MET B 199 -14.95 -9.23 2.27
CA MET B 199 -14.98 -9.23 3.73
C MET B 199 -15.36 -7.87 4.27
N ILE B 200 -15.97 -7.86 5.46
CA ILE B 200 -16.02 -6.66 6.28
C ILE B 200 -15.21 -6.91 7.55
N LEU B 201 -14.17 -6.11 7.74
CA LEU B 201 -13.28 -6.23 8.89
C LEU B 201 -13.50 -5.07 9.86
N TYR B 202 -13.22 -5.31 11.13
CA TYR B 202 -13.15 -4.24 12.13
C TYR B 202 -11.99 -4.52 13.09
N PRO B 203 -11.69 -3.58 14.01
CA PRO B 203 -10.51 -3.77 14.87
C PRO B 203 -10.56 -5.05 15.70
N TYR B 204 -9.40 -5.58 16.10
CA TYR B 204 -8.10 -4.98 15.80
C TYR B 204 -7.30 -5.82 14.81
N SER B 205 -6.39 -5.15 14.11
CA SER B 205 -5.43 -5.83 13.25
C SER B 205 -4.00 -5.78 13.78
N TYR B 206 -3.70 -4.85 14.69
CA TYR B 206 -2.36 -4.79 15.25
C TYR B 206 -2.20 -5.65 16.50
N ASP B 207 -3.30 -6.28 16.92
CA ASP B 207 -3.29 -7.17 18.08
C ASP B 207 -4.51 -8.08 17.99
N TYR B 208 -4.46 -9.22 18.67
CA TYR B 208 -5.59 -10.15 18.66
C TYR B 208 -6.62 -9.84 19.74
N LYS B 209 -6.32 -8.84 20.57
CA LYS B 209 -7.28 -8.37 21.57
C LYS B 209 -8.54 -7.91 20.84
N LEU B 210 -9.67 -7.98 21.52
CA LEU B 210 -10.94 -7.56 20.93
C LEU B 210 -11.31 -6.16 21.40
N PRO B 211 -11.90 -5.36 20.50
CA PRO B 211 -12.37 -4.01 20.89
C PRO B 211 -13.52 -4.11 21.88
N GLU B 212 -13.68 -3.08 22.70
CA GLU B 212 -14.68 -3.11 23.75
C GLU B 212 -16.10 -3.31 23.21
N ASN B 213 -16.38 -2.79 22.02
CA ASN B 213 -17.69 -3.01 21.41
C ASN B 213 -17.66 -4.08 20.32
N ASN B 214 -16.84 -5.11 20.54
CA ASN B 214 -16.70 -6.21 19.60
C ASN B 214 -18.03 -6.86 19.21
N ALA B 215 -18.89 -7.12 20.19
CA ALA B 215 -20.12 -7.83 19.89
C ALA B 215 -21.03 -6.97 19.02
N GLU B 216 -21.10 -5.68 19.34
CA GLU B 216 -21.90 -4.76 18.55
C GLU B 216 -21.40 -4.67 17.11
N LEU B 217 -20.08 -4.62 16.95
CA LEU B 217 -19.49 -4.51 15.61
C LEU B 217 -19.69 -5.81 14.83
N ASN B 218 -19.59 -6.94 15.51
CA ASN B 218 -19.80 -8.22 14.86
C ASN B 218 -21.25 -8.34 14.39
N ASN B 219 -22.20 -7.95 15.24
CA ASN B 219 -23.62 -8.01 14.88
C ASN B 219 -23.92 -7.10 13.70
N LEU B 220 -23.31 -5.91 13.68
CA LEU B 220 -23.52 -4.96 12.60
C LEU B 220 -22.94 -5.45 11.29
N ALA B 221 -21.73 -6.01 11.35
CA ALA B 221 -21.10 -6.58 10.16
C ALA B 221 -21.91 -7.75 9.62
N LYS B 222 -22.42 -8.59 10.52
CA LYS B 222 -23.24 -9.74 10.12
C LYS B 222 -24.48 -9.28 9.37
N ALA B 223 -25.14 -8.24 9.88
CA ALA B 223 -26.35 -7.72 9.26
C ALA B 223 -26.04 -7.07 7.91
N ALA B 224 -24.89 -6.39 7.84
CA ALA B 224 -24.51 -5.68 6.63
C ALA B 224 -24.19 -6.66 5.49
N VAL B 225 -23.54 -7.78 5.81
CA VAL B 225 -23.23 -8.75 4.77
C VAL B 225 -24.49 -9.49 4.31
N LYS B 226 -25.44 -9.68 5.21
CA LYS B 226 -26.73 -10.26 4.85
C LYS B 226 -27.44 -9.34 3.87
N GLU B 227 -27.43 -8.04 4.16
CA GLU B 227 -28.05 -7.05 3.29
C GLU B 227 -27.37 -7.02 1.92
N LEU B 228 -26.05 -7.08 1.90
CA LEU B 228 -25.29 -7.03 0.65
C LEU B 228 -25.66 -8.20 -0.26
N ALA B 229 -25.89 -9.36 0.34
CA ALA B 229 -26.15 -10.58 -0.41
C ALA B 229 -27.53 -10.57 -1.08
N THR B 230 -28.43 -9.69 -0.63
CA THR B 230 -29.79 -9.70 -1.16
C THR B 230 -29.84 -9.39 -2.65
N LEU B 231 -28.85 -8.65 -3.15
CA LEU B 231 -28.94 -8.14 -4.51
C LEU B 231 -28.52 -9.18 -5.54
N TYR B 232 -27.37 -9.81 -5.33
CA TYR B 232 -26.84 -10.76 -6.31
C TYR B 232 -26.31 -12.05 -5.68
N GLY B 233 -26.55 -12.20 -4.38
CA GLY B 233 -26.15 -13.42 -3.70
C GLY B 233 -24.68 -13.49 -3.32
N THR B 234 -23.97 -12.38 -3.47
CA THR B 234 -22.55 -12.34 -3.18
C THR B 234 -22.28 -12.56 -1.69
N LYS B 235 -21.38 -13.48 -1.38
CA LYS B 235 -21.13 -13.88 0.01
C LYS B 235 -19.88 -13.22 0.57
N TYR B 236 -20.07 -12.50 1.67
CA TYR B 236 -18.98 -11.88 2.42
C TYR B 236 -18.78 -12.59 3.76
N THR B 237 -17.54 -12.63 4.22
CA THR B 237 -17.26 -12.99 5.61
C THR B 237 -16.90 -11.72 6.40
N TYR B 238 -16.75 -11.85 7.71
CA TYR B 238 -16.54 -10.69 8.56
C TYR B 238 -15.92 -11.05 9.90
N GLY B 239 -15.28 -10.07 10.53
CA GLY B 239 -14.68 -10.29 11.84
C GLY B 239 -13.53 -9.32 12.12
N PRO B 240 -12.89 -9.45 13.28
CA PRO B 240 -11.71 -8.63 13.62
C PRO B 240 -10.60 -8.88 12.61
N GLY B 241 -9.86 -7.84 12.27
CA GLY B 241 -8.88 -7.93 11.20
C GLY B 241 -7.82 -9.00 11.37
N ALA B 242 -7.20 -9.07 12.54
CA ALA B 242 -6.06 -9.96 12.71
C ALA B 242 -6.45 -11.42 12.52
N THR B 243 -7.58 -11.82 13.09
CA THR B 243 -7.99 -13.21 13.05
C THR B 243 -8.65 -13.56 11.72
N THR B 244 -9.31 -12.59 11.09
CA THR B 244 -10.08 -12.84 9.89
C THR B 244 -9.21 -12.86 8.63
N ILE B 245 -8.14 -12.06 8.62
CA ILE B 245 -7.19 -12.08 7.51
C ILE B 245 -5.80 -12.44 7.99
N TYR B 246 -5.10 -11.46 8.57
CA TYR B 246 -3.82 -11.69 9.23
C TYR B 246 -3.44 -10.46 10.04
N PRO B 247 -2.46 -10.59 10.93
CA PRO B 247 -1.97 -9.40 11.65
C PRO B 247 -1.41 -8.35 10.69
N ALA B 248 -1.74 -7.09 10.95
CA ALA B 248 -1.29 -5.99 10.10
C ALA B 248 -1.34 -4.69 10.89
N ALA B 249 -0.25 -4.39 11.60
CA ALA B 249 -0.18 -3.18 12.41
C ALA B 249 -0.10 -1.93 11.53
N GLY B 250 -0.52 -0.80 12.08
CA GLY B 250 -0.39 0.47 11.37
C GLY B 250 -1.53 0.77 10.44
N GLY B 251 -2.67 0.10 10.65
CA GLY B 251 -3.82 0.30 9.78
C GLY B 251 -4.65 1.51 10.14
N SER B 252 -5.27 2.11 9.14
CA SER B 252 -6.03 3.34 9.36
C SER B 252 -7.34 3.09 10.10
N ASP B 253 -7.94 1.92 9.92
CA ASP B 253 -9.16 1.62 10.66
C ASP B 253 -8.90 1.45 12.15
N ASP B 254 -7.82 0.78 12.51
CA ASP B 254 -7.43 0.67 13.92
C ASP B 254 -7.07 2.04 14.51
N TRP B 255 -6.38 2.87 13.75
CA TRP B 255 -6.03 4.19 14.25
C TRP B 255 -7.27 5.04 14.49
N ALA B 256 -8.19 5.04 13.54
CA ALA B 256 -9.43 5.80 13.69
C ALA B 256 -10.20 5.34 14.93
N TYR B 257 -10.25 4.03 15.14
CA TYR B 257 -10.98 3.48 16.28
C TYR B 257 -10.33 3.93 17.59
N ASP B 258 -9.00 3.87 17.64
CA ASP B 258 -8.27 4.26 18.84
C ASP B 258 -8.42 5.75 19.13
N GLN B 259 -8.82 6.51 18.11
CA GLN B 259 -9.08 7.94 18.30
C GLN B 259 -10.47 8.18 18.87
N GLY B 260 -11.27 7.13 18.94
CA GLY B 260 -12.60 7.25 19.52
C GLY B 260 -13.74 7.11 18.51
N ILE B 261 -13.42 6.80 17.27
CA ILE B 261 -14.44 6.58 16.26
C ILE B 261 -14.88 5.12 16.34
N LYS B 262 -16.05 4.90 16.94
CA LYS B 262 -16.42 3.58 17.44
C LYS B 262 -16.86 2.61 16.36
N TYR B 263 -17.31 3.15 15.23
CA TYR B 263 -17.71 2.32 14.10
C TYR B 263 -16.67 2.47 13.01
N SER B 264 -15.74 1.52 12.95
CA SER B 264 -14.62 1.59 12.03
C SER B 264 -14.51 0.26 11.29
N PHE B 265 -14.59 0.32 9.97
CA PHE B 265 -14.63 -0.89 9.15
C PHE B 265 -13.73 -0.79 7.93
N THR B 266 -13.08 -1.91 7.60
CA THR B 266 -12.42 -2.06 6.31
C THR B 266 -13.27 -2.99 5.44
N PHE B 267 -13.56 -2.54 4.22
CA PHE B 267 -14.26 -3.38 3.26
C PHE B 267 -13.27 -3.97 2.26
N GLU B 268 -13.38 -5.27 2.02
CA GLU B 268 -12.67 -5.91 0.91
C GLU B 268 -13.71 -6.34 -0.13
N LEU B 269 -13.68 -5.72 -1.31
CA LEU B 269 -14.74 -5.94 -2.30
C LEU B 269 -14.45 -7.19 -3.15
N ARG B 270 -15.18 -7.36 -4.25
CA ARG B 270 -14.99 -8.53 -5.14
C ARG B 270 -13.58 -8.57 -5.71
N ASP B 271 -13.10 -9.75 -6.11
CA ASP B 271 -13.82 -11.01 -5.92
C ASP B 271 -13.13 -11.87 -4.86
N LYS B 272 -13.10 -13.19 -5.09
CA LYS B 272 -12.47 -14.11 -4.14
C LYS B 272 -11.15 -14.64 -4.67
N GLY B 273 -10.69 -14.10 -5.79
CA GLY B 273 -9.37 -14.44 -6.29
C GLY B 273 -9.34 -14.88 -7.75
N ARG B 274 -10.49 -15.12 -8.35
CA ARG B 274 -10.51 -15.56 -9.74
C ARG B 274 -9.85 -14.50 -10.63
N TYR B 275 -10.25 -13.25 -10.44
CA TYR B 275 -9.61 -12.15 -11.15
C TYR B 275 -8.76 -11.30 -10.22
N GLY B 276 -9.06 -11.36 -8.93
CA GLY B 276 -8.26 -10.66 -7.94
C GLY B 276 -8.33 -9.16 -8.11
N PHE B 277 -7.16 -8.53 -8.22
CA PHE B 277 -7.06 -7.09 -8.39
C PHE B 277 -7.51 -6.65 -9.78
N ILE B 278 -7.44 -7.56 -10.74
CA ILE B 278 -7.77 -7.23 -12.12
C ILE B 278 -9.24 -7.56 -12.39
N LEU B 279 -10.12 -7.01 -11.57
CA LEU B 279 -11.54 -7.29 -11.70
C LEU B 279 -12.08 -6.68 -12.99
N PRO B 280 -12.81 -7.46 -13.79
CA PRO B 280 -13.33 -6.95 -15.06
C PRO B 280 -14.22 -5.72 -14.87
N GLU B 281 -14.11 -4.77 -15.80
CA GLU B 281 -14.96 -3.59 -15.78
C GLU B 281 -16.43 -3.96 -15.84
N SER B 282 -16.73 -5.12 -16.43
CA SER B 282 -18.11 -5.58 -16.51
C SER B 282 -18.73 -5.91 -15.15
N GLN B 283 -17.90 -5.97 -14.10
CA GLN B 283 -18.41 -6.24 -12.76
C GLN B 283 -18.48 -5.00 -11.87
N ILE B 284 -18.08 -3.85 -12.40
CA ILE B 284 -18.06 -2.62 -11.61
C ILE B 284 -19.45 -2.26 -11.10
N GLN B 285 -20.43 -2.24 -11.99
CA GLN B 285 -21.78 -1.84 -11.62
C GLN B 285 -22.36 -2.72 -10.51
N ALA B 286 -22.29 -4.03 -10.69
CA ALA B 286 -22.88 -4.95 -9.72
C ALA B 286 -22.15 -4.91 -8.38
N THR B 287 -20.82 -4.84 -8.44
CA THR B 287 -20.02 -4.75 -7.23
C THR B 287 -20.39 -3.49 -6.46
N CYS B 288 -20.48 -2.37 -7.16
CA CYS B 288 -20.77 -1.11 -6.48
C CYS B 288 -22.18 -1.07 -5.91
N GLU B 289 -23.16 -1.57 -6.66
CA GLU B 289 -24.55 -1.53 -6.18
C GLU B 289 -24.78 -2.37 -4.93
N GLU B 290 -24.18 -3.55 -4.88
CA GLU B 290 -24.35 -4.39 -3.68
C GLU B 290 -23.58 -3.79 -2.52
N THR B 291 -22.43 -3.20 -2.79
CA THR B 291 -21.65 -2.54 -1.73
C THR B 291 -22.41 -1.35 -1.15
N MET B 292 -23.13 -0.62 -1.99
CA MET B 292 -23.95 0.50 -1.53
C MET B 292 -24.92 0.07 -0.44
N LEU B 293 -25.50 -1.13 -0.59
CA LEU B 293 -26.48 -1.59 0.38
C LEU B 293 -25.86 -1.78 1.75
N ALA B 294 -24.64 -2.30 1.78
CA ALA B 294 -23.92 -2.47 3.04
C ALA B 294 -23.54 -1.13 3.66
N ILE B 295 -23.04 -0.21 2.83
CA ILE B 295 -22.65 1.10 3.32
C ILE B 295 -23.86 1.86 3.86
N LYS B 296 -24.98 1.80 3.15
CA LYS B 296 -26.20 2.44 3.63
C LYS B 296 -26.75 1.80 4.90
N TYR B 297 -26.62 0.48 5.01
CA TYR B 297 -27.05 -0.21 6.23
C TYR B 297 -26.26 0.28 7.44
N VAL B 298 -24.95 0.37 7.28
CA VAL B 298 -24.09 0.87 8.35
C VAL B 298 -24.42 2.33 8.68
N THR B 299 -24.67 3.12 7.64
CA THR B 299 -24.99 4.54 7.84
C THR B 299 -26.27 4.72 8.64
N ASN B 300 -27.31 3.97 8.29
CA ASN B 300 -28.57 4.05 9.01
C ASN B 300 -28.40 3.63 10.46
N TYR B 301 -27.56 2.63 10.71
CA TYR B 301 -27.32 2.18 12.08
C TYR B 301 -26.65 3.30 12.88
N VAL B 302 -25.63 3.91 12.30
CA VAL B 302 -24.90 4.97 12.97
C VAL B 302 -25.82 6.13 13.33
N LEU B 303 -26.70 6.52 12.40
CA LEU B 303 -27.66 7.59 12.67
C LEU B 303 -28.52 7.27 13.87
N GLY B 304 -28.79 5.98 14.09
CA GLY B 304 -29.64 5.57 15.19
C GLY B 304 -28.88 5.40 16.48
N HIS B 305 -27.56 5.59 16.44
CA HIS B 305 -26.74 5.42 17.62
C HIS B 305 -25.76 6.58 17.77
N LEU B 306 -26.25 7.80 17.56
CA LEU B 306 -25.44 9.00 17.70
C LEU B 306 -25.40 9.44 19.17
N GLY C 3 25.11 -37.27 11.65
CA GLY C 3 24.31 -36.22 11.06
C GLY C 3 22.83 -36.46 11.22
N HIS C 4 22.06 -35.38 11.32
CA HIS C 4 20.62 -35.48 11.52
C HIS C 4 19.90 -35.83 10.22
N SER C 5 18.86 -36.64 10.34
CA SER C 5 17.96 -36.93 9.22
C SER C 5 16.53 -37.04 9.73
N TYR C 6 15.58 -36.48 8.98
CA TYR C 6 14.17 -36.57 9.36
C TYR C 6 13.58 -37.91 8.97
N GLU C 7 14.33 -38.69 8.19
CA GLU C 7 13.85 -39.99 7.73
C GLU C 7 14.65 -41.14 8.33
N LYS C 8 15.41 -40.84 9.39
CA LYS C 8 16.07 -41.89 10.17
C LYS C 8 15.88 -41.57 11.64
N TYR C 9 16.10 -42.55 12.50
CA TYR C 9 16.06 -42.31 13.95
C TYR C 9 17.40 -41.73 14.39
N ASN C 10 17.33 -40.62 15.14
CA ASN C 10 18.52 -39.91 15.58
C ASN C 10 18.77 -40.13 17.07
N ASN C 11 20.02 -40.34 17.47
CA ASN C 11 20.30 -40.49 18.90
C ASN C 11 20.21 -39.13 19.59
N TRP C 12 20.28 -39.14 20.92
CA TRP C 12 20.06 -37.92 21.67
C TRP C 12 21.05 -36.81 21.34
N GLU C 13 22.33 -37.17 21.23
CA GLU C 13 23.34 -36.15 20.92
C GLU C 13 22.95 -35.42 19.64
N THR C 14 22.47 -36.18 18.66
CA THR C 14 22.06 -35.61 17.39
C THR C 14 20.78 -34.78 17.50
N ILE C 15 19.80 -35.27 18.24
CA ILE C 15 18.58 -34.50 18.48
C ILE C 15 18.89 -33.19 19.22
N GLU C 16 19.70 -33.29 20.26
CA GLU C 16 20.11 -32.10 21.01
C GLU C 16 20.75 -31.07 20.09
N ALA C 17 21.71 -31.51 19.28
CA ALA C 17 22.37 -30.61 18.33
C ALA C 17 21.34 -30.02 17.37
N TRP C 18 20.38 -30.84 16.96
CA TRP C 18 19.33 -30.38 16.05
C TRP C 18 18.47 -29.28 16.68
N THR C 19 18.16 -29.40 17.97
CA THR C 19 17.34 -28.38 18.63
C THR C 19 18.04 -27.03 18.59
N LYS C 20 19.37 -27.04 18.68
CA LYS C 20 20.14 -25.81 18.63
C LYS C 20 20.21 -25.27 17.21
N GLN C 21 20.46 -26.16 16.26
CA GLN C 21 20.65 -25.77 14.86
C GLN C 21 19.35 -25.27 14.22
N VAL C 22 18.25 -25.97 14.46
CA VAL C 22 17.00 -25.61 13.82
C VAL C 22 16.50 -24.28 14.39
N THR C 23 16.86 -24.00 15.64
CA THR C 23 16.52 -22.71 16.25
C THR C 23 17.34 -21.59 15.63
N SER C 24 18.63 -21.83 15.42
CA SER C 24 19.49 -20.80 14.85
C SER C 24 19.11 -20.50 13.40
N GLU C 25 18.59 -21.50 12.69
CA GLU C 25 18.22 -21.34 11.29
C GLU C 25 16.87 -20.64 11.11
N ASN C 26 16.08 -20.59 12.17
CA ASN C 26 14.76 -19.98 12.13
C ASN C 26 14.52 -19.10 13.35
N PRO C 27 15.29 -18.01 13.47
CA PRO C 27 15.23 -17.13 14.65
C PRO C 27 13.90 -16.41 14.81
N ASP C 28 13.15 -16.30 13.71
CA ASP C 28 11.89 -15.56 13.72
C ASP C 28 10.68 -16.47 13.98
N LEU C 29 10.93 -17.75 14.16
CA LEU C 29 9.84 -18.71 14.33
C LEU C 29 10.07 -19.69 15.48
N ILE C 30 11.32 -19.82 15.93
CA ILE C 30 11.64 -20.79 16.97
C ILE C 30 12.54 -20.23 18.07
N SER C 31 12.14 -20.45 19.32
CA SER C 31 13.01 -20.23 20.48
C SER C 31 13.20 -21.52 21.25
N ARG C 32 14.33 -21.67 21.91
CA ARG C 32 14.60 -22.88 22.69
C ARG C 32 14.88 -22.56 24.15
N THR C 33 14.32 -23.37 25.05
CA THR C 33 14.65 -23.29 26.47
C THR C 33 14.81 -24.69 27.03
N ALA C 34 15.24 -24.77 28.29
CA ALA C 34 15.26 -26.03 29.02
C ALA C 34 14.34 -25.89 30.22
N ILE C 35 13.49 -26.88 30.45
CA ILE C 35 12.50 -26.81 31.52
C ILE C 35 12.96 -27.53 32.78
N GLY C 36 14.14 -28.16 32.70
CA GLY C 36 14.66 -28.89 33.84
C GLY C 36 15.74 -29.86 33.42
N THR C 37 16.17 -30.71 34.34
CA THR C 37 17.15 -31.74 34.02
C THR C 37 16.65 -33.14 34.40
N THR C 38 17.21 -34.14 33.75
CA THR C 38 16.83 -35.52 34.02
C THR C 38 17.55 -36.06 35.26
N PHE C 39 17.23 -37.29 35.65
CA PHE C 39 17.93 -37.95 36.74
C PHE C 39 19.44 -37.96 36.54
N LEU C 40 19.89 -38.15 35.30
CA LEU C 40 21.31 -38.23 34.98
C LEU C 40 21.90 -36.87 34.63
N GLY C 41 21.07 -35.83 34.67
CA GLY C 41 21.57 -34.47 34.52
C GLY C 41 21.53 -33.89 33.12
N ASN C 42 20.77 -34.51 32.22
CA ASN C 42 20.62 -33.97 30.88
C ASN C 42 19.55 -32.88 30.81
N ASN C 43 19.77 -31.88 29.96
CA ASN C 43 18.83 -30.77 29.83
C ASN C 43 17.58 -31.18 29.04
N ILE C 44 16.41 -30.90 29.59
CA ILE C 44 15.15 -31.22 28.93
C ILE C 44 14.72 -30.03 28.08
N TYR C 45 15.07 -30.07 26.80
CA TYR C 45 14.84 -28.94 25.91
C TYR C 45 13.40 -28.85 25.42
N LEU C 46 12.96 -27.61 25.24
CA LEU C 46 11.61 -27.32 24.76
C LEU C 46 11.71 -26.29 23.64
N LEU C 47 11.00 -26.54 22.54
CA LEU C 47 11.01 -25.61 21.42
C LEU C 47 9.69 -24.85 21.39
N LYS C 48 9.77 -23.53 21.22
CA LYS C 48 8.58 -22.71 21.08
C LYS C 48 8.47 -22.26 19.64
N VAL C 49 7.50 -22.81 18.92
CA VAL C 49 7.35 -22.57 17.49
C VAL C 49 6.18 -21.61 17.27
N GLY C 50 6.46 -20.51 16.58
CA GLY C 50 5.41 -19.54 16.32
C GLY C 50 5.96 -18.16 16.03
N LYS C 51 5.14 -17.32 15.42
CA LYS C 51 5.51 -15.94 15.15
C LYS C 51 5.38 -15.14 16.44
N PRO C 52 6.48 -14.59 16.95
CA PRO C 52 6.47 -13.92 18.24
C PRO C 52 5.43 -12.80 18.32
N GLY C 53 4.71 -12.75 19.44
CA GLY C 53 3.67 -11.76 19.59
C GLY C 53 3.22 -11.59 21.03
N PRO C 54 2.35 -10.62 21.31
CA PRO C 54 1.83 -10.34 22.66
C PRO C 54 0.88 -11.42 23.17
N ASN C 55 1.17 -11.93 24.36
CA ASN C 55 0.31 -12.88 25.06
C ASN C 55 -0.47 -13.82 24.14
N LYS C 56 0.24 -14.80 23.59
CA LYS C 56 -0.35 -15.75 22.65
C LYS C 56 -0.82 -17.01 23.38
N PRO C 57 -1.93 -17.60 22.93
CA PRO C 57 -2.33 -18.94 23.35
C PRO C 57 -1.32 -19.95 22.81
N ALA C 58 -1.36 -21.17 23.34
CA ALA C 58 -0.42 -22.19 22.90
C ALA C 58 -1.04 -23.58 22.87
N ILE C 59 -0.50 -24.43 22.01
CA ILE C 59 -0.76 -25.86 22.09
C ILE C 59 0.54 -26.53 22.52
N PHE C 60 0.43 -27.47 23.44
CA PHE C 60 1.61 -28.16 23.94
C PHE C 60 1.64 -29.60 23.44
N MET C 61 2.76 -30.00 22.85
CA MET C 61 2.94 -31.38 22.40
C MET C 61 4.25 -31.94 22.91
N ASP C 62 4.22 -33.15 23.47
CA ASP C 62 5.46 -33.83 23.80
C ASP C 62 5.60 -35.19 23.12
N CYS C 63 6.85 -35.62 22.99
CA CYS C 63 7.17 -36.93 22.44
C CYS C 63 8.16 -37.61 23.38
N GLY C 64 8.31 -38.92 23.23
CA GLY C 64 9.37 -39.61 23.94
C GLY C 64 9.17 -39.80 25.43
N PHE C 65 7.91 -39.84 25.88
CA PHE C 65 7.63 -40.29 27.24
C PHE C 65 8.26 -41.66 27.47
N HIS C 66 8.06 -42.56 26.51
CA HIS C 66 8.52 -43.93 26.65
C HIS C 66 9.68 -44.21 25.70
N ALA C 67 10.79 -44.68 26.26
CA ALA C 67 12.07 -44.64 25.57
C ALA C 67 12.09 -45.42 24.26
N ARG C 68 11.44 -46.59 24.24
CA ARG C 68 11.51 -47.48 23.08
C ARG C 68 10.60 -47.07 21.92
N GLU C 69 9.74 -46.08 22.14
CA GLU C 69 8.76 -45.69 21.14
C GLU C 69 9.34 -44.65 20.17
N TRP C 70 10.33 -45.10 19.40
CA TRP C 70 11.19 -44.21 18.63
C TRP C 70 10.48 -43.36 17.58
N ILE C 71 9.38 -43.86 17.03
CA ILE C 71 8.65 -43.11 16.03
C ILE C 71 8.02 -41.85 16.65
N SER C 72 7.80 -41.89 17.96
CA SER C 72 7.31 -40.70 18.68
C SER C 72 8.31 -39.55 18.59
N HIS C 73 9.56 -39.81 19.00
CA HIS C 73 10.61 -38.80 18.95
C HIS C 73 10.73 -38.27 17.52
N ALA C 74 10.67 -39.17 16.55
CA ALA C 74 10.82 -38.79 15.16
C ALA C 74 9.71 -37.83 14.73
N PHE C 75 8.49 -38.03 15.23
CA PHE C 75 7.41 -37.16 14.81
C PHE C 75 7.54 -35.71 15.31
N CYS C 76 7.99 -35.51 16.54
CA CYS C 76 8.16 -34.15 17.04
C CYS C 76 9.15 -33.38 16.15
N GLN C 77 10.19 -34.07 15.69
CA GLN C 77 11.16 -33.43 14.79
C GLN C 77 10.53 -33.13 13.44
N TRP C 78 9.74 -34.06 12.93
CA TRP C 78 9.08 -33.87 11.63
C TRP C 78 8.14 -32.67 11.68
N PHE C 79 7.41 -32.53 12.79
CA PHE C 79 6.44 -31.46 12.94
C PHE C 79 7.13 -30.10 12.90
N VAL C 80 8.24 -29.98 13.61
CA VAL C 80 8.94 -28.70 13.67
C VAL C 80 9.38 -28.25 12.29
N ARG C 81 9.92 -29.18 11.48
CA ARG C 81 10.36 -28.80 10.15
C ARG C 81 9.18 -28.43 9.26
N GLU C 82 8.08 -29.17 9.35
CA GLU C 82 6.91 -28.86 8.54
C GLU C 82 6.41 -27.46 8.87
N ALA C 83 6.44 -27.12 10.15
CA ALA C 83 5.94 -25.83 10.62
C ALA C 83 6.80 -24.69 10.09
N VAL C 84 8.11 -24.83 10.22
CA VAL C 84 9.02 -23.76 9.84
C VAL C 84 9.03 -23.56 8.32
N LEU C 85 8.83 -24.64 7.57
CA LEU C 85 8.98 -24.61 6.13
C LEU C 85 7.69 -24.26 5.38
N THR C 86 6.54 -24.58 5.97
CA THR C 86 5.27 -24.26 5.31
C THR C 86 4.70 -22.92 5.78
N TYR C 87 5.28 -22.35 6.83
CA TYR C 87 4.85 -21.03 7.27
C TYR C 87 5.12 -19.99 6.20
N GLY C 88 4.10 -19.21 5.86
CA GLY C 88 4.26 -18.20 4.83
C GLY C 88 3.94 -18.71 3.44
N TYR C 89 3.69 -20.01 3.32
CA TYR C 89 3.33 -20.59 2.02
C TYR C 89 1.90 -21.09 2.01
N GLU C 90 1.51 -21.76 3.09
CA GLU C 90 0.17 -22.34 3.19
C GLU C 90 -0.66 -21.57 4.21
N SER C 91 -1.92 -21.32 3.87
CA SER C 91 -2.78 -20.47 4.68
C SER C 91 -2.92 -20.98 6.12
N HIS C 92 -3.08 -22.28 6.28
CA HIS C 92 -3.39 -22.85 7.59
C HIS C 92 -2.25 -22.74 8.59
N MET C 93 -1.08 -23.24 8.23
CA MET C 93 0.06 -23.19 9.13
C MET C 93 0.44 -21.73 9.43
N THR C 94 0.27 -20.87 8.43
CA THR C 94 0.58 -19.46 8.61
C THR C 94 -0.33 -18.85 9.67
N GLU C 95 -1.63 -19.11 9.53
CA GLU C 95 -2.61 -18.67 10.52
C GLU C 95 -2.30 -19.26 11.90
N PHE C 96 -1.94 -20.54 11.93
CA PHE C 96 -1.62 -21.23 13.18
C PHE C 96 -0.54 -20.51 13.97
N LEU C 97 0.58 -20.23 13.32
CA LEU C 97 1.75 -19.72 14.02
C LEU C 97 1.70 -18.21 14.26
N ASN C 98 0.80 -17.53 13.56
CA ASN C 98 0.55 -16.12 13.81
C ASN C 98 -0.26 -15.94 15.10
N LYS C 99 -1.27 -16.79 15.28
CA LYS C 99 -2.20 -16.67 16.39
C LYS C 99 -1.71 -17.39 17.64
N LEU C 100 -1.12 -18.57 17.45
CA LEU C 100 -0.72 -19.39 18.58
C LEU C 100 0.74 -19.84 18.51
N ASP C 101 1.26 -20.29 19.63
CA ASP C 101 2.56 -20.94 19.69
C ASP C 101 2.35 -22.44 19.82
N PHE C 102 3.26 -23.22 19.24
CA PHE C 102 3.36 -24.64 19.54
C PHE C 102 4.55 -24.86 20.47
N TYR C 103 4.30 -25.39 21.66
CA TYR C 103 5.38 -25.85 22.52
C TYR C 103 5.67 -27.30 22.20
N VAL C 104 6.84 -27.57 21.65
CA VAL C 104 7.22 -28.92 21.25
C VAL C 104 8.37 -29.41 22.12
N LEU C 105 8.11 -30.43 22.93
CA LEU C 105 9.14 -31.04 23.77
C LEU C 105 9.55 -32.34 23.09
N PRO C 106 10.69 -32.33 22.38
CA PRO C 106 11.06 -33.43 21.47
C PRO C 106 11.24 -34.77 22.16
N VAL C 107 11.88 -34.75 23.33
CA VAL C 107 12.10 -35.96 24.10
C VAL C 107 11.99 -35.64 25.59
N LEU C 108 11.00 -36.21 26.26
CA LEU C 108 10.87 -36.02 27.71
C LEU C 108 11.83 -36.95 28.46
N ASN C 109 11.75 -38.24 28.15
CA ASN C 109 12.54 -39.25 28.86
C ASN C 109 13.87 -39.46 28.16
N ILE C 110 14.75 -38.47 28.28
CA ILE C 110 16.04 -38.49 27.61
C ILE C 110 16.95 -39.60 28.10
N ASP C 111 16.96 -39.83 29.42
CA ASP C 111 17.84 -40.86 29.99
C ASP C 111 17.48 -42.23 29.43
N GLY C 112 16.18 -42.51 29.36
CA GLY C 112 15.75 -43.80 28.84
C GLY C 112 16.04 -43.93 27.36
N TYR C 113 15.84 -42.84 26.61
CA TYR C 113 16.11 -42.87 25.17
C TYR C 113 17.58 -43.20 24.93
N ILE C 114 18.47 -42.55 25.66
CA ILE C 114 19.89 -42.87 25.54
C ILE C 114 20.11 -44.35 25.82
N TYR C 115 19.43 -44.89 26.83
CA TYR C 115 19.62 -46.29 27.21
C TYR C 115 19.18 -47.23 26.09
N THR C 116 18.16 -46.86 25.33
CA THR C 116 17.71 -47.70 24.22
C THR C 116 18.68 -47.70 23.04
N TRP C 117 19.53 -46.67 22.96
CA TRP C 117 20.56 -46.61 21.93
C TRP C 117 21.85 -47.32 22.36
N THR C 118 22.17 -47.24 23.65
CA THR C 118 23.45 -47.75 24.15
C THR C 118 23.38 -49.17 24.72
N LYS C 119 22.21 -49.56 25.22
CA LYS C 119 22.09 -50.85 25.91
C LYS C 119 20.83 -51.65 25.52
N ASN C 120 19.67 -51.21 25.99
CA ASN C 120 18.46 -52.02 25.89
C ASN C 120 17.41 -51.33 25.02
N ARG C 121 17.25 -51.81 23.79
CA ARG C 121 16.33 -51.21 22.83
C ARG C 121 14.87 -51.21 23.31
N MET C 122 14.55 -52.10 24.24
CA MET C 122 13.19 -52.24 24.73
C MET C 122 12.93 -51.54 26.07
N TRP C 123 13.84 -50.68 26.49
CA TRP C 123 13.63 -49.93 27.72
C TRP C 123 12.46 -48.96 27.59
N ARG C 124 11.70 -48.79 28.67
CA ARG C 124 10.48 -47.98 28.67
C ARG C 124 10.55 -46.82 29.66
N LYS C 125 10.98 -47.13 30.88
CA LYS C 125 10.84 -46.22 32.03
C LYS C 125 11.93 -45.15 32.05
N THR C 126 11.93 -44.32 33.09
CA THR C 126 13.08 -43.46 33.36
C THR C 126 14.26 -44.31 33.82
N ARG C 127 15.35 -43.67 34.23
CA ARG C 127 16.53 -44.41 34.66
C ARG C 127 16.96 -44.10 36.09
N SER C 128 16.03 -43.61 36.90
CA SER C 128 16.33 -43.24 38.28
C SER C 128 16.38 -44.46 39.20
N THR C 129 17.06 -44.30 40.32
CA THR C 129 17.17 -45.36 41.31
C THR C 129 15.93 -45.44 42.19
N ASN C 130 15.69 -46.61 42.77
CA ASN C 130 14.55 -46.82 43.64
C ASN C 130 15.04 -47.33 45.00
N ALA C 131 14.56 -46.69 46.06
CA ALA C 131 15.07 -46.97 47.40
C ALA C 131 14.93 -48.44 47.78
N GLY C 132 16.05 -49.06 48.14
CA GLY C 132 16.02 -50.42 48.66
C GLY C 132 15.77 -51.51 47.64
N THR C 133 16.13 -51.25 46.38
CA THR C 133 16.03 -52.29 45.37
C THR C 133 16.98 -51.99 44.22
N THR C 134 17.40 -53.03 43.50
CA THR C 134 18.28 -52.88 42.36
C THR C 134 17.52 -52.47 41.09
N CYS C 135 16.20 -52.62 41.12
CA CYS C 135 15.39 -52.32 39.95
C CYS C 135 15.35 -50.83 39.66
N ILE C 136 15.44 -50.49 38.37
CA ILE C 136 15.60 -49.10 37.94
C ILE C 136 14.34 -48.56 37.28
N GLY C 137 14.00 -47.31 37.59
CA GLY C 137 13.08 -46.57 36.74
C GLY C 137 11.63 -46.54 37.17
N THR C 138 10.95 -45.47 36.79
CA THR C 138 9.52 -45.27 37.00
C THR C 138 8.86 -45.06 35.63
N ASP C 139 7.61 -45.48 35.51
CA ASP C 139 6.86 -45.24 34.28
C ASP C 139 6.33 -43.80 34.32
N PRO C 140 6.87 -42.93 33.45
CA PRO C 140 6.46 -41.53 33.52
C PRO C 140 4.97 -41.34 33.28
N ASN C 141 4.35 -42.24 32.51
CA ASN C 141 2.93 -42.09 32.22
C ASN C 141 2.06 -42.79 33.25
N ARG C 142 2.66 -43.11 34.40
CA ARG C 142 1.90 -43.48 35.59
C ARG C 142 2.28 -42.57 36.76
N ASN C 143 3.02 -41.50 36.47
CA ASN C 143 3.63 -40.72 37.54
C ASN C 143 2.98 -39.35 37.74
N PHE C 144 1.88 -39.08 37.05
CA PHE C 144 1.18 -37.81 37.20
C PHE C 144 0.02 -37.87 38.19
N ASP C 145 -0.38 -36.71 38.69
CA ASP C 145 -1.37 -36.64 39.76
C ASP C 145 -2.78 -36.72 39.19
N ALA C 146 -3.12 -37.87 38.61
CA ALA C 146 -4.47 -38.11 38.10
C ALA C 146 -4.91 -39.51 38.53
N GLY C 147 -5.71 -39.57 39.58
CA GLY C 147 -6.04 -40.85 40.18
C GLY C 147 -4.79 -41.67 40.41
N TRP C 148 -3.74 -41.01 40.87
CA TRP C 148 -2.41 -41.61 40.88
C TRP C 148 -2.34 -43.01 41.48
N CYS C 149 -1.83 -43.95 40.68
CA CYS C 149 -1.57 -45.34 41.05
C CYS C 149 -2.79 -46.15 41.49
N THR C 150 -3.99 -45.70 41.14
CA THR C 150 -5.21 -46.38 41.59
C THR C 150 -5.65 -47.54 40.69
N THR C 151 -5.23 -47.52 39.44
CA THR C 151 -5.56 -48.62 38.53
C THR C 151 -4.60 -48.70 37.36
N GLY C 152 -4.31 -49.91 36.90
CA GLY C 152 -3.48 -50.07 35.72
C GLY C 152 -2.04 -49.64 35.96
N ALA C 153 -1.61 -49.63 37.22
CA ALA C 153 -0.24 -49.25 37.56
C ALA C 153 0.29 -50.17 38.64
N SER C 154 1.60 -50.37 38.66
CA SER C 154 2.22 -51.27 39.65
C SER C 154 2.90 -50.50 40.77
N THR C 155 2.89 -51.07 41.97
CA THR C 155 3.63 -50.52 43.11
C THR C 155 5.01 -51.15 43.25
N ASP C 156 5.35 -52.04 42.32
CA ASP C 156 6.62 -52.77 42.36
C ASP C 156 7.62 -52.11 41.43
N PRO C 157 8.74 -51.59 41.98
CA PRO C 157 9.72 -50.87 41.16
C PRO C 157 10.31 -51.69 40.01
N CYS C 158 10.17 -53.01 40.10
CA CYS C 158 10.72 -53.90 39.07
C CYS C 158 9.78 -54.05 37.88
N ASP C 159 8.60 -53.47 37.97
CA ASP C 159 7.61 -53.61 36.91
C ASP C 159 7.65 -52.44 35.93
N GLU C 160 7.23 -52.69 34.69
CA GLU C 160 7.29 -51.70 33.63
C GLU C 160 6.31 -50.53 33.84
N THR C 161 5.30 -50.74 34.68
CA THR C 161 4.30 -49.72 34.93
C THR C 161 4.39 -49.18 36.36
N TYR C 162 5.55 -49.31 36.98
CA TYR C 162 5.76 -48.79 38.32
C TYR C 162 5.37 -47.30 38.38
N CYS C 163 4.53 -46.96 39.34
CA CYS C 163 3.97 -45.62 39.40
C CYS C 163 4.83 -44.61 40.15
N GLY C 164 5.91 -45.09 40.76
CA GLY C 164 6.79 -44.22 41.51
C GLY C 164 6.46 -44.16 42.99
N SER C 165 7.27 -43.43 43.75
CA SER C 165 7.07 -43.30 45.19
C SER C 165 5.93 -42.34 45.50
N ALA C 166 5.71 -41.39 44.59
CA ALA C 166 4.60 -40.46 44.70
C ALA C 166 4.42 -39.78 43.35
N ALA C 167 3.28 -39.14 43.13
CA ALA C 167 3.09 -38.38 41.90
C ALA C 167 4.22 -37.36 41.76
N GLU C 168 4.78 -37.27 40.56
CA GLU C 168 5.83 -36.30 40.25
C GLU C 168 7.12 -36.56 41.02
N SER C 169 7.33 -37.81 41.43
CA SER C 169 8.57 -38.20 42.09
C SER C 169 9.76 -38.11 41.14
N GLU C 170 9.50 -38.21 39.84
CA GLU C 170 10.55 -38.13 38.83
C GLU C 170 10.85 -36.68 38.45
N LYS C 171 12.13 -36.33 38.32
CA LYS C 171 12.50 -34.98 37.91
C LYS C 171 11.85 -34.60 36.59
N GLU C 172 11.74 -35.55 35.67
CA GLU C 172 11.25 -35.25 34.34
C GLU C 172 9.76 -34.91 34.36
N THR C 173 8.99 -35.67 35.13
CA THR C 173 7.56 -35.44 35.19
C THR C 173 7.23 -34.21 36.04
N LYS C 174 8.00 -33.99 37.10
CA LYS C 174 7.85 -32.77 37.88
C LYS C 174 8.14 -31.56 36.99
N ALA C 175 9.19 -31.66 36.17
CA ALA C 175 9.56 -30.56 35.29
C ALA C 175 8.44 -30.24 34.32
N LEU C 176 7.84 -31.28 33.74
CA LEU C 176 6.76 -31.07 32.78
C LEU C 176 5.51 -30.52 33.47
N ALA C 177 5.15 -31.10 34.61
CA ALA C 177 3.98 -30.63 35.34
C ALA C 177 4.19 -29.19 35.81
N ASP C 178 5.39 -28.88 36.30
CA ASP C 178 5.72 -27.52 36.70
C ASP C 178 5.54 -26.56 35.53
N PHE C 179 6.04 -26.94 34.37
CA PHE C 179 5.97 -26.05 33.21
C PHE C 179 4.53 -25.78 32.80
N ILE C 180 3.72 -26.83 32.75
CA ILE C 180 2.33 -26.68 32.34
C ILE C 180 1.52 -25.87 33.35
N ARG C 181 1.71 -26.16 34.65
CA ARG C 181 1.06 -25.39 35.70
C ARG C 181 1.41 -23.91 35.60
N ASN C 182 2.67 -23.62 35.32
CA ASN C 182 3.14 -22.25 35.25
C ASN C 182 2.77 -21.56 33.93
N ASN C 183 2.20 -22.33 33.01
CA ASN C 183 1.82 -21.79 31.71
C ASN C 183 0.38 -22.10 31.30
N LEU C 184 -0.48 -22.30 32.29
CA LEU C 184 -1.90 -22.48 32.02
C LEU C 184 -2.49 -21.23 31.40
N SER C 185 -1.78 -20.11 31.54
CA SER C 185 -2.20 -18.85 30.93
C SER C 185 -2.24 -18.95 29.41
N SER C 186 -1.47 -19.89 28.84
CA SER C 186 -1.39 -20.02 27.40
C SER C 186 -1.91 -21.36 26.86
N ILE C 187 -1.59 -22.45 27.54
CA ILE C 187 -1.82 -23.78 26.98
C ILE C 187 -3.30 -24.18 26.97
N LYS C 188 -3.85 -24.30 25.77
CA LYS C 188 -5.27 -24.61 25.58
C LYS C 188 -5.50 -26.03 25.06
N ALA C 189 -4.44 -26.70 24.63
CA ALA C 189 -4.55 -28.10 24.25
C ALA C 189 -3.26 -28.84 24.57
N TYR C 190 -3.40 -30.12 24.87
CA TYR C 190 -2.26 -30.95 25.24
C TYR C 190 -2.27 -32.22 24.38
N LEU C 191 -1.15 -32.46 23.70
CA LEU C 191 -1.01 -33.61 22.82
C LEU C 191 0.24 -34.38 23.22
N THR C 192 0.10 -35.67 23.46
CA THR C 192 1.24 -36.48 23.88
C THR C 192 1.38 -37.69 22.96
N ILE C 193 2.57 -37.87 22.41
CA ILE C 193 2.78 -38.80 21.32
C ILE C 193 3.46 -40.09 21.78
N HIS C 194 2.80 -41.22 21.52
CA HIS C 194 3.30 -42.55 21.87
C HIS C 194 3.23 -43.46 20.62
N SER C 195 3.71 -44.69 20.76
CA SER C 195 3.41 -45.77 19.82
C SER C 195 3.44 -47.08 20.62
N TYR C 196 2.93 -48.19 20.06
CA TYR C 196 2.20 -48.24 18.79
C TYR C 196 0.74 -48.60 19.10
N SER C 197 -0.08 -48.69 18.05
CA SER C 197 -1.47 -49.19 18.13
C SER C 197 -2.43 -48.46 17.19
N GLN C 198 -2.02 -47.30 16.70
CA GLN C 198 -2.84 -46.51 15.78
C GLN C 198 -4.17 -46.13 16.43
N MET C 199 -4.07 -45.27 17.45
CA MET C 199 -5.23 -44.78 18.16
C MET C 199 -5.11 -43.29 18.48
N ILE C 200 -6.25 -42.63 18.59
CA ILE C 200 -6.33 -41.34 19.28
C ILE C 200 -7.17 -41.52 20.54
N LEU C 201 -6.57 -41.26 21.69
CA LEU C 201 -7.23 -41.44 22.98
C LEU C 201 -7.50 -40.09 23.62
N TYR C 202 -8.62 -39.99 24.34
CA TYR C 202 -8.86 -38.84 25.21
C TYR C 202 -9.34 -39.32 26.57
N PRO C 203 -9.46 -38.42 27.55
CA PRO C 203 -9.79 -38.87 28.91
C PRO C 203 -11.13 -39.60 29.02
N TYR C 204 -11.31 -40.44 30.04
CA TYR C 204 -10.31 -40.67 31.07
C TYR C 204 -9.67 -42.05 30.97
N SER C 205 -8.46 -42.18 31.50
CA SER C 205 -7.81 -43.48 31.61
C SER C 205 -7.68 -43.99 33.03
N TYR C 206 -7.78 -43.10 34.02
CA TYR C 206 -7.67 -43.54 35.41
C TYR C 206 -9.01 -43.99 35.98
N ASP C 207 -10.08 -43.78 35.21
CA ASP C 207 -11.42 -44.18 35.62
C ASP C 207 -12.32 -44.30 34.40
N TYR C 208 -13.40 -45.06 34.53
CA TYR C 208 -14.30 -45.28 33.40
C TYR C 208 -15.27 -44.12 33.16
N LYS C 209 -15.31 -43.17 34.09
CA LYS C 209 -16.13 -41.98 33.94
C LYS C 209 -15.71 -41.20 32.69
N LEU C 210 -16.64 -40.42 32.14
CA LEU C 210 -16.38 -39.64 30.94
C LEU C 210 -16.21 -38.15 31.24
N PRO C 211 -15.39 -37.46 30.43
CA PRO C 211 -15.19 -36.01 30.57
C PRO C 211 -16.45 -35.23 30.18
N GLU C 212 -16.59 -34.03 30.72
CA GLU C 212 -17.76 -33.19 30.47
C GLU C 212 -18.03 -33.03 28.97
N ASN C 213 -16.97 -32.79 28.20
CA ASN C 213 -17.12 -32.54 26.77
C ASN C 213 -16.78 -33.75 25.91
N ASN C 214 -17.17 -34.93 26.39
CA ASN C 214 -16.85 -36.18 25.72
C ASN C 214 -17.40 -36.26 24.30
N ALA C 215 -18.59 -35.72 24.08
CA ALA C 215 -19.17 -35.72 22.75
C ALA C 215 -18.29 -34.91 21.79
N GLU C 216 -17.81 -33.78 22.27
CA GLU C 216 -16.97 -32.90 21.47
C GLU C 216 -15.64 -33.57 21.16
N LEU C 217 -15.04 -34.22 22.16
CA LEU C 217 -13.76 -34.89 21.96
C LEU C 217 -13.90 -36.06 21.00
N ASN C 218 -15.01 -36.79 21.11
CA ASN C 218 -15.22 -37.96 20.27
C ASN C 218 -15.35 -37.56 18.80
N ASN C 219 -16.14 -36.52 18.55
CA ASN C 219 -16.35 -36.06 17.18
C ASN C 219 -15.08 -35.48 16.58
N LEU C 220 -14.26 -34.85 17.42
CA LEU C 220 -12.99 -34.30 16.94
C LEU C 220 -12.02 -35.41 16.58
N ALA C 221 -11.91 -36.43 17.45
CA ALA C 221 -11.05 -37.57 17.17
C ALA C 221 -11.54 -38.31 15.93
N LYS C 222 -12.86 -38.40 15.80
CA LYS C 222 -13.49 -39.03 14.64
C LYS C 222 -13.02 -38.37 13.34
N ALA C 223 -13.07 -37.05 13.31
CA ALA C 223 -12.70 -36.31 12.10
C ALA C 223 -11.20 -36.36 11.87
N ALA C 224 -10.43 -36.37 12.94
CA ALA C 224 -8.97 -36.42 12.84
C ALA C 224 -8.49 -37.73 12.24
N VAL C 225 -9.10 -38.84 12.63
CA VAL C 225 -8.68 -40.13 12.09
C VAL C 225 -9.09 -40.30 10.63
N LYS C 226 -10.20 -39.67 10.26
CA LYS C 226 -10.63 -39.65 8.87
C LYS C 226 -9.60 -38.90 8.02
N GLU C 227 -9.15 -37.76 8.53
CA GLU C 227 -8.16 -36.96 7.82
C GLU C 227 -6.86 -37.76 7.67
N LEU C 228 -6.45 -38.43 8.74
CA LEU C 228 -5.20 -39.19 8.73
C LEU C 228 -5.23 -40.28 7.66
N ALA C 229 -6.37 -40.92 7.49
CA ALA C 229 -6.48 -42.06 6.58
C ALA C 229 -6.41 -41.67 5.11
N THR C 230 -6.59 -40.39 4.81
CA THR C 230 -6.68 -39.95 3.42
C THR C 230 -5.38 -40.13 2.65
N LEU C 231 -4.26 -40.20 3.36
CA LEU C 231 -2.96 -40.26 2.69
C LEU C 231 -2.56 -41.67 2.26
N TYR C 232 -2.60 -42.61 3.20
CA TYR C 232 -2.11 -43.97 2.94
C TYR C 232 -3.12 -45.05 3.32
N GLY C 233 -4.27 -44.63 3.81
CA GLY C 233 -5.31 -45.58 4.17
C GLY C 233 -5.16 -46.17 5.56
N THR C 234 -4.25 -45.60 6.35
CA THR C 234 -3.98 -46.12 7.68
C THR C 234 -5.18 -45.96 8.61
N LYS C 235 -5.58 -47.05 9.26
CA LYS C 235 -6.78 -47.08 10.08
C LYS C 235 -6.50 -46.91 11.58
N TYR C 236 -7.03 -45.83 12.14
CA TYR C 236 -6.95 -45.55 13.58
C TYR C 236 -8.29 -45.83 14.25
N THR C 237 -8.26 -46.30 15.50
CA THR C 237 -9.44 -46.29 16.34
C THR C 237 -9.31 -45.15 17.34
N TYR C 238 -10.38 -44.87 18.09
CA TYR C 238 -10.38 -43.74 18.99
C TYR C 238 -11.45 -43.85 20.08
N GLY C 239 -11.25 -43.13 21.17
CA GLY C 239 -12.22 -43.15 22.26
C GLY C 239 -11.58 -42.83 23.60
N PRO C 240 -12.35 -42.93 24.70
CA PRO C 240 -11.83 -42.72 26.05
C PRO C 240 -10.75 -43.77 26.35
N GLY C 241 -9.68 -43.35 27.00
CA GLY C 241 -8.54 -44.25 27.16
C GLY C 241 -8.87 -45.56 27.82
N ALA C 242 -9.61 -45.52 28.92
CA ALA C 242 -9.81 -46.71 29.75
C ALA C 242 -10.47 -47.86 28.98
N THR C 243 -11.48 -47.53 28.17
CA THR C 243 -12.22 -48.55 27.45
C THR C 243 -11.64 -48.83 26.06
N THR C 244 -10.92 -47.87 25.51
CA THR C 244 -10.40 -48.00 24.15
C THR C 244 -9.11 -48.83 24.09
N ILE C 245 -8.34 -48.81 25.17
CA ILE C 245 -7.15 -49.66 25.23
C ILE C 245 -7.05 -50.41 26.56
N TYR C 246 -6.81 -49.70 27.65
CA TYR C 246 -6.90 -50.28 29.00
C TYR C 246 -6.78 -49.21 30.06
N PRO C 247 -7.24 -49.50 31.29
CA PRO C 247 -7.09 -48.52 32.38
C PRO C 247 -5.62 -48.25 32.69
N ALA C 248 -5.30 -46.98 32.92
CA ALA C 248 -3.93 -46.58 33.21
C ALA C 248 -3.92 -45.24 33.94
N ALA C 249 -3.90 -45.30 35.27
CA ALA C 249 -3.95 -44.10 36.09
C ALA C 249 -2.61 -43.38 36.07
N GLY C 250 -2.62 -42.09 36.40
CA GLY C 250 -1.39 -41.33 36.48
C GLY C 250 -0.87 -40.83 35.15
N GLY C 251 -1.75 -40.75 34.14
CA GLY C 251 -1.34 -40.31 32.83
C GLY C 251 -1.31 -38.79 32.68
N SER C 252 -0.41 -38.30 31.84
CA SER C 252 -0.26 -36.85 31.69
C SER C 252 -1.45 -36.23 30.97
N ASP C 253 -2.11 -36.97 30.09
CA ASP C 253 -3.26 -36.41 29.39
C ASP C 253 -4.46 -36.21 30.32
N ASP C 254 -4.70 -37.16 31.21
CA ASP C 254 -5.77 -36.99 32.21
C ASP C 254 -5.43 -35.83 33.14
N TRP C 255 -4.17 -35.76 33.55
CA TRP C 255 -3.77 -34.73 34.49
C TRP C 255 -3.93 -33.35 33.86
N ALA C 256 -3.49 -33.21 32.61
CA ALA C 256 -3.62 -31.94 31.90
C ALA C 256 -5.09 -31.56 31.76
N TYR C 257 -5.95 -32.54 31.49
CA TYR C 257 -7.37 -32.28 31.32
C TYR C 257 -7.98 -31.74 32.61
N ASP C 258 -7.60 -32.32 33.73
CA ASP C 258 -8.15 -31.90 35.02
C ASP C 258 -7.53 -30.60 35.52
N GLN C 259 -6.60 -30.06 34.74
CA GLN C 259 -6.08 -28.71 34.98
C GLN C 259 -6.90 -27.69 34.20
N GLY C 260 -7.89 -28.17 33.46
CA GLY C 260 -8.75 -27.28 32.72
C GLY C 260 -8.44 -27.19 31.24
N ILE C 261 -7.46 -27.98 30.78
CA ILE C 261 -7.13 -28.05 29.37
C ILE C 261 -8.10 -28.99 28.67
N LYS C 262 -9.09 -28.41 28.00
CA LYS C 262 -10.27 -29.15 27.55
C LYS C 262 -9.97 -30.10 26.40
N TYR C 263 -8.89 -29.82 25.69
CA TYR C 263 -8.51 -30.62 24.54
C TYR C 263 -7.21 -31.35 24.85
N SER C 264 -7.32 -32.61 25.21
CA SER C 264 -6.19 -33.40 25.66
C SER C 264 -6.23 -34.76 24.99
N PHE C 265 -5.18 -35.09 24.25
CA PHE C 265 -5.17 -36.31 23.45
C PHE C 265 -3.85 -37.06 23.56
N THR C 266 -3.94 -38.39 23.63
CA THR C 266 -2.79 -39.25 23.43
C THR C 266 -2.86 -39.88 22.04
N PHE C 267 -1.79 -39.75 21.27
CA PHE C 267 -1.69 -40.43 19.99
C PHE C 267 -0.86 -41.69 20.13
N GLU C 268 -1.36 -42.80 19.58
CA GLU C 268 -0.55 -44.00 19.42
C GLU C 268 -0.29 -44.19 17.93
N LEU C 269 0.97 -44.06 17.49
CA LEU C 269 1.26 -44.11 16.07
C LEU C 269 1.39 -45.56 15.55
N ARG C 270 1.88 -45.72 14.33
CA ARG C 270 2.06 -47.04 13.71
C ARG C 270 3.03 -47.90 14.52
N ASP C 271 2.95 -49.23 14.37
CA ASP C 271 1.91 -49.88 13.57
C ASP C 271 0.90 -50.56 14.47
N LYS C 272 0.46 -51.76 14.09
CA LYS C 272 -0.51 -52.50 14.89
C LYS C 272 0.09 -53.77 15.50
N GLY C 273 1.42 -53.88 15.43
CA GLY C 273 2.09 -54.98 16.09
C GLY C 273 3.06 -55.79 15.26
N ARG C 274 3.03 -55.64 13.94
CA ARG C 274 3.93 -56.42 13.09
C ARG C 274 5.37 -56.10 13.44
N TYR C 275 5.70 -54.82 13.49
CA TYR C 275 7.04 -54.40 13.91
C TYR C 275 7.03 -53.80 15.31
N GLY C 276 5.86 -53.35 15.75
CA GLY C 276 5.74 -52.83 17.11
C GLY C 276 6.59 -51.60 17.36
N PHE C 277 7.41 -51.65 18.41
CA PHE C 277 8.25 -50.51 18.75
C PHE C 277 9.38 -50.33 17.75
N ILE C 278 9.74 -51.39 17.04
CA ILE C 278 10.86 -51.33 16.10
C ILE C 278 10.34 -51.06 14.69
N LEU C 279 9.66 -49.92 14.54
CA LEU C 279 9.11 -49.54 13.24
C LEU C 279 10.25 -49.22 12.29
N PRO C 280 10.26 -49.83 11.10
CA PRO C 280 11.38 -49.58 10.19
C PRO C 280 11.52 -48.11 9.78
N GLU C 281 12.75 -47.67 9.55
CA GLU C 281 13.00 -46.28 9.18
C GLU C 281 12.31 -45.93 7.87
N SER C 282 12.10 -46.93 7.02
CA SER C 282 11.44 -46.70 5.75
C SER C 282 9.96 -46.34 5.89
N GLN C 283 9.41 -46.46 7.10
CA GLN C 283 8.04 -46.05 7.37
C GLN C 283 7.94 -44.70 8.07
N ILE C 284 9.07 -44.09 8.40
CA ILE C 284 9.04 -42.85 9.17
C ILE C 284 8.31 -41.74 8.42
N GLN C 285 8.67 -41.52 7.16
CA GLN C 285 8.09 -40.43 6.39
C GLN C 285 6.56 -40.52 6.29
N ALA C 286 6.06 -41.67 5.86
CA ALA C 286 4.63 -41.84 5.68
C ALA C 286 3.88 -41.73 7.00
N THR C 287 4.45 -42.30 8.05
CA THR C 287 3.85 -42.23 9.37
C THR C 287 3.73 -40.78 9.81
N CYS C 288 4.80 -40.02 9.65
CA CYS C 288 4.78 -38.62 10.07
C CYS C 288 3.87 -37.76 9.20
N GLU C 289 3.85 -38.02 7.90
CA GLU C 289 3.00 -37.24 7.00
C GLU C 289 1.53 -37.39 7.34
N GLU C 290 1.08 -38.63 7.56
CA GLU C 290 -0.33 -38.85 7.85
C GLU C 290 -0.70 -38.32 9.23
N THR C 291 0.22 -38.44 10.19
CA THR C 291 -0.01 -37.92 11.54
C THR C 291 -0.17 -36.40 11.50
N MET C 292 0.65 -35.75 10.68
CA MET C 292 0.56 -34.29 10.52
C MET C 292 -0.85 -33.84 10.20
N LEU C 293 -1.57 -34.60 9.37
CA LEU C 293 -2.91 -34.21 8.97
C LEU C 293 -3.87 -34.22 10.17
N ALA C 294 -3.72 -35.19 11.05
CA ALA C 294 -4.57 -35.27 12.23
C ALA C 294 -4.24 -34.15 13.21
N ILE C 295 -2.96 -33.88 13.40
CA ILE C 295 -2.52 -32.82 14.30
C ILE C 295 -2.99 -31.46 13.81
N LYS C 296 -2.88 -31.21 12.51
CA LYS C 296 -3.32 -29.92 11.97
C LYS C 296 -4.83 -29.77 12.03
N TYR C 297 -5.56 -30.87 11.88
CA TYR C 297 -7.02 -30.81 12.00
C TYR C 297 -7.41 -30.42 13.41
N VAL C 298 -6.77 -31.03 14.40
CA VAL C 298 -7.04 -30.70 15.79
C VAL C 298 -6.67 -29.25 16.09
N THR C 299 -5.53 -28.81 15.55
CA THR C 299 -5.07 -27.46 15.81
C THR C 299 -6.05 -26.41 15.29
N ASN C 300 -6.55 -26.63 14.08
CA ASN C 300 -7.49 -25.69 13.47
C ASN C 300 -8.76 -25.58 14.33
N TYR C 301 -9.20 -26.71 14.87
CA TYR C 301 -10.38 -26.71 15.73
C TYR C 301 -10.11 -25.93 17.01
N VAL C 302 -9.00 -26.25 17.68
CA VAL C 302 -8.63 -25.56 18.91
C VAL C 302 -8.50 -24.06 18.68
N LEU C 303 -8.00 -23.68 17.51
CA LEU C 303 -7.80 -22.28 17.17
C LEU C 303 -9.11 -21.51 17.26
N GLY C 304 -10.22 -22.19 16.97
CA GLY C 304 -11.52 -21.54 17.01
C GLY C 304 -12.30 -21.82 18.27
N HIS C 305 -11.66 -22.45 19.25
CA HIS C 305 -12.33 -22.80 20.50
C HIS C 305 -11.43 -22.53 21.71
N LEU C 306 -10.72 -21.41 21.68
CA LEU C 306 -9.81 -21.04 22.76
C LEU C 306 -10.56 -20.58 24.00
#